data_6P9X
#
_entry.id   6P9X
#
_cell.length_a   1.00
_cell.length_b   1.00
_cell.length_c   1.00
_cell.angle_alpha   90.00
_cell.angle_beta   90.00
_cell.angle_gamma   90.00
#
_symmetry.space_group_name_H-M   'P 1'
#
loop_
_entity.id
_entity.type
_entity.pdbx_description
1 polymer 'Guanine nucleotide-binding protein G(s) subunit alpha isoforms short'
2 polymer 'Guanine nucleotide-binding protein G(I)/G(S)/G(T) subunit beta-1'
3 polymer 'Guanine nucleotide-binding protein G(I)/G(S)/G(O) subunit gamma-2'
4 polymer 'Nanobody 35'
5 polymer 'Corticotropin-releasing factor receptor 1'
6 polymer Corticoliberin
7 water water
#
loop_
_entity_poly.entity_id
_entity_poly.type
_entity_poly.pdbx_seq_one_letter_code
_entity_poly.pdbx_strand_id
1 'polypeptide(L)'
;MGCLGNSKTEDQRNEEKAQREANKKIEKQLQKDKQVYRATHRLLLLGAGESGKSTIVKQMRILHVNGFNGEGGEEDPQAA
RSNSDGEKATKVQDIKNNLKEAIETIVAAMSNLVPPVELANPENQFRVDYILSVMNVPDFDFPPEFYEHAKALWEDEGVR
ACYERSNEYQLIDCAQYFLDKIDVIKQADYVPSDQDLLRCRVLTSGIFETKFQVDKVNFHMFDVGGQRDERRKWIQCFND
VTAIIFVVASSSYNMVIREDNQTNRLQEALKLFDSIWNNKWLRDTSVILFLNKQDLLAEKVLAGKSKIEDYFPEFARYTT
PEDATPEPGEDPRVTRAKYFIRDEFLRISTASGDGRHYCYPHFTCAVDTENIRRVFNDCRDIIQRMHLRQYELL
;
A
2 'polypeptide(L)'
;MHHHHHHGSSGSELDQLRQEAEQLKNQIRDARKACADATLSQITNNIDPVGRIQMRTRRTLRGHLAKIYAMHWGTDSRLL
VSASQDGKLIIWDSYTTNKVHAIPLRSSWVMTCAYAPSGNYVACGGLDNICSIYNLKTREGNVRVSRELAGHTGYLSCCR
FLDDNQIVTSSGDTTCALWDIETGQQTTTFTGHTGDVMSLSLAPDTRLFVSGACDASAKLWDVREGMCRQTFTGHESDIN
AICFFPNGNAFATGSDDATCRLFDLRADQELMTYSHDNIICGITSVSFSKSGRLLLAGYDDFNCNVWDALKADRAGVLAG
HDNRVSCLGVTDDGMAVATGSWDSFLKIWN
;
B
3 'polypeptide(L)' MASNNTASIAQARKLVEQLKMEANIDRIKVSKAAADLMAYCEAHAKEDPLLTPVPASENPFREKKFFCAIL G
4 'polypeptide(L)'
;QVQLQESGGGLVQPGGSLRLSCAASGFTFSNYKMNWVRQAPGKGLEWVSDISQSGASISYTGSVKGRFTISRDNAKNTLY
LQMNSLKPEDTAVYYCARCPAPFTRDCFDVTSTTYAYRGQGTQVTVSSHHHHHHEPEA
;
N
5 'polypeptide(L)'
;DYKDDDDLEVLFQGPASLQDQHCESLSLASNISGLQCNASVDLIGTCWPRSPAGQLVVRPCPAFFYGVRYNTTNNGYREC
LANGSWAARVNYSECQEILNEEKKSKVHYHVAVIINYLGHCISLVALLVAFVLFLRLRSIRCLRNIIHWNLISAFILRNA
TWFVVQLTMSPEVHQSNVGWCRLVTAAYNYFHVTNFFWMFGEGCYLHTAIVLTYTTDRLRKWMFICIGWGVPFPIIVAWA
IGKLYYDNEKCWFGKRPGVYTDYIYQGPMILVLLINFIFLFNIVRILMTKLRASTTSETIQYRKAVKATLVLLPLLGITY
MLFFVNPGEDEVSRVVFIYFNSFLESFQGFFVSVFYCFLNSEVRSAIRKRWHRWQDKHSIRARVARAMSIPTSPTRVSFH
SIKQSTAVPAGLEVLFQGPHHHHHHHH
;
R
6 'polypeptide(L)' SEEPPISLDLTFHLLREVLEMARAEQLAQQAHSNRKLMEII P
#
# COMPACT_ATOMS: atom_id res chain seq x y z
N ASP A 11 4.90 41.39 10.49
CA ASP A 11 6.35 41.18 10.44
C ASP A 11 6.69 39.86 9.75
N GLN A 12 7.60 39.92 8.78
CA GLN A 12 8.02 38.73 8.06
C GLN A 12 8.73 37.71 8.95
N ARG A 13 9.41 38.16 10.00
CA ARG A 13 10.16 37.27 10.86
C ARG A 13 9.35 36.74 12.03
N ASN A 14 8.47 37.56 12.61
CA ASN A 14 7.68 37.13 13.77
C ASN A 14 6.44 36.35 13.39
N GLU A 15 5.96 36.48 12.16
CA GLU A 15 4.84 35.66 11.70
C GLU A 15 5.27 34.28 11.22
N GLU A 16 6.57 34.05 11.07
CA GLU A 16 7.07 32.71 10.76
C GLU A 16 7.57 31.99 12.00
N LYS A 17 8.09 32.70 12.99
CA LYS A 17 8.44 32.08 14.26
C LYS A 17 7.20 31.65 15.04
N ALA A 18 6.15 32.45 15.04
CA ALA A 18 4.88 32.03 15.63
C ALA A 18 4.22 30.91 14.84
N GLN A 19 4.58 30.73 13.56
CA GLN A 19 4.10 29.61 12.78
C GLN A 19 4.95 28.36 12.98
N ARG A 20 6.24 28.53 13.27
CA ARG A 20 7.07 27.40 13.66
C ARG A 20 6.89 27.03 15.11
N GLU A 21 6.41 27.97 15.93
CA GLU A 21 6.09 27.65 17.32
C GLU A 21 4.84 26.79 17.41
N ALA A 22 3.90 26.99 16.48
CA ALA A 22 2.70 26.15 16.46
C ALA A 22 2.98 24.82 15.79
N ASN A 23 3.91 24.78 14.83
CA ASN A 23 4.21 23.54 14.13
C ASN A 23 4.90 22.55 15.06
N LYS A 24 5.85 23.02 15.88
CA LYS A 24 6.53 22.12 16.81
C LYS A 24 5.59 21.58 17.87
N LYS A 25 4.52 22.30 18.18
CA LYS A 25 3.51 21.77 19.10
C LYS A 25 2.62 20.75 18.41
N ILE A 26 2.41 20.90 17.11
CA ILE A 26 1.67 19.89 16.35
C ILE A 26 2.50 18.63 16.19
N GLU A 27 3.79 18.79 15.89
CA GLU A 27 4.65 17.65 15.60
C GLU A 27 4.99 16.83 16.85
N LYS A 28 4.98 17.45 18.03
CA LYS A 28 5.20 16.70 19.26
C LYS A 28 3.96 15.96 19.74
N GLN A 29 2.78 16.36 19.27
CA GLN A 29 1.55 15.63 19.54
C GLN A 29 1.34 14.49 18.56
N LEU A 30 1.75 14.69 17.30
CA LEU A 30 1.69 13.60 16.32
C LEU A 30 2.67 12.48 16.67
N GLN A 31 3.67 12.78 17.50
CA GLN A 31 4.60 11.75 17.94
C GLN A 31 3.98 10.89 19.04
N LYS A 32 3.19 11.51 19.90
CA LYS A 32 2.47 10.74 20.91
C LYS A 32 1.37 9.90 20.27
N ASP A 33 0.69 10.46 19.26
CA ASP A 33 -0.37 9.71 18.57
C ASP A 33 0.22 8.57 17.75
N LYS A 34 1.48 8.71 17.31
CA LYS A 34 2.12 7.63 16.57
C LYS A 34 2.45 6.46 17.48
N GLN A 35 2.69 6.73 18.76
CA GLN A 35 2.97 5.64 19.70
C GLN A 35 1.70 4.83 19.98
N VAL A 36 0.55 5.49 20.03
CA VAL A 36 -0.70 4.78 20.30
C VAL A 36 -1.18 4.07 19.03
N TYR A 37 -0.92 4.65 17.87
CA TYR A 37 -1.38 4.06 16.62
C TYR A 37 -0.63 2.77 16.31
N ARG A 38 0.66 2.72 16.67
N ARG A 38 0.66 2.72 16.69
CA ARG A 38 1.46 1.54 16.39
CA ARG A 38 1.46 1.54 16.39
C ARG A 38 1.31 0.49 17.49
C ARG A 38 1.31 0.49 17.49
N ALA A 39 0.93 0.91 18.69
CA ALA A 39 0.71 -0.05 19.77
C ALA A 39 -0.61 -0.79 19.59
N THR A 40 -1.53 -0.20 18.83
CA THR A 40 -2.83 -0.80 18.63
C THR A 40 -2.85 -1.60 17.33
N HIS A 41 -3.49 -2.76 17.37
CA HIS A 41 -3.67 -3.62 16.20
C HIS A 41 -5.11 -3.52 15.75
N ARG A 42 -5.31 -3.20 14.47
CA ARG A 42 -6.63 -2.97 13.91
C ARG A 42 -7.14 -4.25 13.25
N LEU A 43 -8.35 -4.64 13.60
CA LEU A 43 -8.98 -5.85 13.09
C LEU A 43 -10.28 -5.47 12.38
N LEU A 44 -10.65 -6.26 11.39
CA LEU A 44 -11.90 -6.05 10.66
C LEU A 44 -12.78 -7.27 10.84
N LEU A 45 -13.86 -7.11 11.60
CA LEU A 45 -14.86 -8.17 11.74
C LEU A 45 -15.77 -8.15 10.52
N LEU A 46 -15.82 -9.27 9.80
CA LEU A 46 -16.59 -9.33 8.56
C LEU A 46 -17.41 -10.61 8.55
N GLY A 47 -18.67 -10.49 8.13
CA GLY A 47 -19.56 -11.63 8.10
C GLY A 47 -20.27 -11.87 9.41
N SER A 205 -25.18 3.40 13.87
CA SER A 205 -24.12 4.20 13.28
C SER A 205 -23.64 3.58 11.97
N GLY A 206 -22.45 3.99 11.53
CA GLY A 206 -21.89 3.47 10.29
C GLY A 206 -20.78 2.48 10.44
N ILE A 207 -20.16 2.41 11.61
CA ILE A 207 -19.13 1.43 11.89
C ILE A 207 -19.00 1.32 13.40
N PHE A 208 -18.84 0.10 13.90
CA PHE A 208 -18.79 -0.16 15.32
C PHE A 208 -17.38 -0.56 15.72
N GLU A 209 -16.88 0.02 16.80
CA GLU A 209 -15.53 -0.21 17.28
C GLU A 209 -15.59 -1.02 18.58
N THR A 210 -14.75 -2.04 18.66
CA THR A 210 -14.63 -2.88 19.86
C THR A 210 -13.18 -2.86 20.30
N LYS A 211 -12.90 -2.22 21.41
CA LYS A 211 -11.53 -2.07 21.93
C LYS A 211 -11.36 -3.03 23.09
N PHE A 212 -10.95 -4.27 22.78
CA PHE A 212 -10.61 -5.24 23.80
C PHE A 212 -9.10 -5.32 23.95
N GLN A 213 -8.65 -5.95 25.03
CA GLN A 213 -7.23 -6.00 25.35
C GLN A 213 -6.90 -7.37 25.90
N VAL A 214 -5.88 -8.01 25.34
CA VAL A 214 -5.44 -9.34 25.76
C VAL A 214 -3.97 -9.25 26.15
N ASP A 215 -3.68 -9.47 27.43
CA ASP A 215 -2.32 -9.42 27.96
C ASP A 215 -1.65 -8.07 27.67
N LYS A 216 -2.37 -7.00 28.00
CA LYS A 216 -1.89 -5.62 27.86
C LYS A 216 -1.61 -5.24 26.42
N VAL A 217 -2.16 -5.98 25.46
CA VAL A 217 -2.02 -5.68 24.04
C VAL A 217 -3.36 -5.14 23.55
N ASN A 218 -3.36 -3.92 23.01
CA ASN A 218 -4.58 -3.26 22.59
C ASN A 218 -4.97 -3.70 21.19
N PHE A 219 -6.19 -4.21 21.06
CA PHE A 219 -6.77 -4.56 19.76
C PHE A 219 -7.97 -3.65 19.49
N HIS A 220 -8.31 -3.53 18.21
CA HIS A 220 -9.40 -2.64 17.80
C HIS A 220 -10.15 -3.32 16.65
N MET A 221 -11.28 -3.95 16.97
CA MET A 221 -12.09 -4.63 15.97
C MET A 221 -13.16 -3.68 15.45
N PHE A 222 -13.37 -3.72 14.12
CA PHE A 222 -14.25 -2.78 13.44
C PHE A 222 -15.31 -3.56 12.65
N ASP A 223 -16.48 -3.77 13.25
CA ASP A 223 -17.60 -4.30 12.51
C ASP A 223 -18.18 -3.22 11.61
N VAL A 224 -18.42 -3.58 10.35
CA VAL A 224 -18.76 -2.55 9.37
C VAL A 224 -20.17 -2.00 9.61
N GLY A 225 -21.05 -2.76 10.23
CA GLY A 225 -22.35 -2.24 10.61
C GLY A 225 -23.28 -1.91 9.47
N GLY A 226 -23.67 -0.64 9.37
CA GLY A 226 -24.75 -0.22 8.47
C GLY A 226 -24.21 0.25 7.13
N GLN A 227 -23.70 -0.70 6.36
CA GLN A 227 -23.30 -0.48 4.98
C GLN A 227 -24.10 -1.39 4.06
N ARG A 228 -24.05 -1.09 2.77
CA ARG A 228 -24.80 -1.85 1.78
C ARG A 228 -24.08 -3.16 1.47
N ASP A 229 -24.77 -4.03 0.73
CA ASP A 229 -24.26 -5.35 0.39
C ASP A 229 -23.12 -5.29 -0.62
N GLU A 230 -22.81 -4.10 -1.13
CA GLU A 230 -21.71 -3.91 -2.09
C GLU A 230 -20.48 -3.45 -1.33
N ARG A 231 -19.45 -4.30 -1.32
CA ARG A 231 -18.25 -4.06 -0.54
C ARG A 231 -17.04 -3.69 -1.38
N ARG A 232 -17.16 -3.68 -2.71
CA ARG A 232 -15.99 -3.51 -3.56
C ARG A 232 -15.31 -2.16 -3.40
N LYS A 233 -15.87 -1.23 -2.65
CA LYS A 233 -15.32 0.10 -2.52
C LYS A 233 -14.87 0.44 -1.11
N TRP A 234 -15.68 0.14 -0.09
CA TRP A 234 -15.27 0.44 1.27
C TRP A 234 -14.41 -0.66 1.89
N ILE A 235 -14.15 -1.75 1.17
CA ILE A 235 -13.33 -2.82 1.73
C ILE A 235 -11.83 -2.62 1.47
N GLN A 236 -11.47 -1.82 0.47
CA GLN A 236 -10.06 -1.46 0.30
C GLN A 236 -9.62 -0.40 1.30
N CYS A 237 -10.52 0.04 2.18
CA CYS A 237 -10.12 0.83 3.34
C CYS A 237 -9.33 -0.01 4.32
N PHE A 238 -9.74 -1.27 4.50
CA PHE A 238 -9.13 -2.16 5.48
C PHE A 238 -8.06 -3.03 4.83
N ASN A 239 -7.12 -2.38 4.15
CA ASN A 239 -6.01 -3.09 3.55
C ASN A 239 -4.76 -3.08 4.41
N ASP A 240 -4.70 -2.23 5.43
CA ASP A 240 -3.58 -2.16 6.35
C ASP A 240 -3.92 -2.68 7.73
N VAL A 241 -5.07 -3.32 7.91
CA VAL A 241 -5.39 -3.94 9.18
C VAL A 241 -4.50 -5.16 9.38
N THR A 242 -4.31 -5.56 10.64
CA THR A 242 -3.48 -6.72 10.93
C THR A 242 -4.08 -7.98 10.34
N ALA A 243 -5.37 -8.20 10.57
CA ALA A 243 -6.05 -9.38 10.07
C ALA A 243 -7.52 -9.07 9.83
N ILE A 244 -8.12 -9.77 8.87
CA ILE A 244 -9.55 -9.72 8.64
C ILE A 244 -10.18 -10.94 9.30
N ILE A 245 -11.08 -10.72 10.24
CA ILE A 245 -11.77 -11.79 10.93
C ILE A 245 -13.00 -12.14 10.11
N PHE A 246 -12.99 -13.32 9.50
CA PHE A 246 -14.06 -13.77 8.61
C PHE A 246 -14.88 -14.83 9.36
N VAL A 247 -16.09 -14.48 9.74
CA VAL A 247 -16.99 -15.39 10.45
C VAL A 247 -17.90 -16.06 9.43
N VAL A 248 -17.98 -17.38 9.49
CA VAL A 248 -18.79 -18.16 8.56
C VAL A 248 -19.89 -18.85 9.34
N ALA A 249 -21.06 -18.95 8.73
CA ALA A 249 -22.21 -19.61 9.35
C ALA A 249 -22.85 -20.59 8.38
N ASN A 264 -27.45 -21.08 -0.91
CA ASN A 264 -26.79 -21.53 0.31
C ASN A 264 -25.87 -20.46 0.87
N ARG A 265 -25.80 -20.38 2.20
CA ARG A 265 -24.96 -19.40 2.87
C ARG A 265 -23.50 -19.82 2.96
N LEU A 266 -23.18 -21.08 2.66
CA LEU A 266 -21.81 -21.55 2.71
C LEU A 266 -21.05 -21.25 1.43
N GLN A 267 -21.70 -21.41 0.28
CA GLN A 267 -21.08 -21.06 -1.00
C GLN A 267 -20.95 -19.55 -1.16
N GLU A 268 -21.90 -18.78 -0.63
CA GLU A 268 -21.79 -17.33 -0.69
C GLU A 268 -20.62 -16.83 0.14
N ALA A 269 -20.31 -17.51 1.24
CA ALA A 269 -19.12 -17.18 2.03
C ALA A 269 -17.85 -17.71 1.41
N LEU A 270 -17.95 -18.69 0.51
CA LEU A 270 -16.77 -19.18 -0.19
C LEU A 270 -16.41 -18.27 -1.36
N LYS A 271 -17.41 -17.60 -1.93
CA LYS A 271 -17.13 -16.63 -2.99
C LYS A 271 -16.70 -15.30 -2.42
N LEU A 272 -17.23 -14.92 -1.24
CA LEU A 272 -16.76 -13.70 -0.59
C LEU A 272 -15.33 -13.84 -0.10
N PHE A 273 -14.96 -15.03 0.37
CA PHE A 273 -13.57 -15.28 0.73
C PHE A 273 -12.67 -15.30 -0.50
N ASP A 274 -13.21 -15.76 -1.63
CA ASP A 274 -12.43 -15.80 -2.86
C ASP A 274 -12.07 -14.40 -3.35
N SER A 275 -12.99 -13.43 -3.16
CA SER A 275 -12.73 -12.07 -3.61
C SER A 275 -11.80 -11.34 -2.67
N ILE A 276 -12.00 -11.53 -1.36
CA ILE A 276 -11.12 -10.89 -0.38
C ILE A 276 -9.69 -11.41 -0.51
N TRP A 277 -9.56 -12.72 -0.73
CA TRP A 277 -8.23 -13.32 -0.86
C TRP A 277 -7.51 -12.83 -2.10
N ASN A 278 -8.24 -12.70 -3.22
CA ASN A 278 -7.64 -12.39 -4.51
C ASN A 278 -7.73 -10.92 -4.87
N ASN A 279 -8.15 -10.07 -3.95
CA ASN A 279 -8.19 -8.64 -4.22
C ASN A 279 -6.77 -8.07 -4.25
N LYS A 280 -6.53 -7.16 -5.20
CA LYS A 280 -5.19 -6.60 -5.38
C LYS A 280 -4.74 -5.73 -4.21
N TRP A 281 -5.66 -5.29 -3.37
CA TRP A 281 -5.32 -4.48 -2.20
C TRP A 281 -5.35 -5.26 -0.90
N LEU A 282 -6.08 -6.37 -0.85
CA LEU A 282 -6.10 -7.25 0.30
C LEU A 282 -5.19 -8.46 0.13
N ARG A 283 -4.23 -8.39 -0.80
CA ARG A 283 -3.30 -9.49 -1.04
C ARG A 283 -2.20 -9.56 0.01
N ASP A 284 -2.10 -8.57 0.90
CA ASP A 284 -1.13 -8.61 1.99
C ASP A 284 -1.79 -8.73 3.34
N THR A 285 -3.11 -8.85 3.38
CA THR A 285 -3.86 -8.92 4.64
C THR A 285 -4.23 -10.37 4.92
N SER A 286 -3.84 -10.85 6.10
CA SER A 286 -4.19 -12.21 6.50
C SER A 286 -5.65 -12.27 6.95
N VAL A 287 -6.20 -13.47 6.93
CA VAL A 287 -7.60 -13.70 7.28
C VAL A 287 -7.66 -14.74 8.38
N ILE A 288 -8.29 -14.38 9.49
CA ILE A 288 -8.60 -15.33 10.56
C ILE A 288 -10.02 -15.82 10.34
N LEU A 289 -10.18 -17.12 10.15
CA LEU A 289 -11.44 -17.71 9.72
C LEU A 289 -12.08 -18.44 10.91
N PHE A 290 -13.29 -18.02 11.27
CA PHE A 290 -14.05 -18.65 12.34
C PHE A 290 -15.26 -19.34 11.72
N LEU A 291 -15.34 -20.65 11.89
CA LEU A 291 -16.43 -21.46 11.34
C LEU A 291 -17.38 -21.82 12.47
N ASN A 292 -18.50 -21.14 12.53
CA ASN A 292 -19.49 -21.36 13.59
C ASN A 292 -20.10 -22.76 13.50
N ILE A 308 -26.36 -30.18 3.57
CA ILE A 308 -25.05 -29.78 3.07
C ILE A 308 -24.57 -30.78 2.04
N GLU A 309 -25.10 -32.00 2.10
CA GLU A 309 -24.74 -33.03 1.13
C GLU A 309 -25.32 -32.77 -0.26
N ASP A 310 -26.30 -31.88 -0.36
CA ASP A 310 -26.87 -31.50 -1.66
C ASP A 310 -26.20 -30.29 -2.26
N TYR A 311 -25.79 -29.31 -1.44
CA TYR A 311 -25.08 -28.14 -1.94
C TYR A 311 -23.67 -28.48 -2.40
N PHE A 312 -23.09 -29.56 -1.89
CA PHE A 312 -21.72 -29.97 -2.25
C PHE A 312 -21.73 -31.46 -2.53
N PRO A 313 -21.70 -31.86 -3.80
CA PRO A 313 -21.75 -33.29 -4.14
C PRO A 313 -20.44 -34.03 -3.90
N GLU A 314 -19.32 -33.32 -3.78
CA GLU A 314 -18.05 -33.94 -3.47
C GLU A 314 -17.88 -34.23 -1.98
N PHE A 315 -18.90 -33.92 -1.17
CA PHE A 315 -18.88 -34.26 0.25
C PHE A 315 -19.19 -35.73 0.50
N ALA A 316 -19.83 -36.41 -0.45
CA ALA A 316 -20.11 -37.83 -0.31
C ALA A 316 -18.82 -38.64 -0.36
N ARG A 317 -17.98 -38.37 -1.35
CA ARG A 317 -16.71 -39.07 -1.50
C ARG A 317 -15.58 -38.30 -0.83
N TYR A 318 -15.81 -37.93 0.44
CA TYR A 318 -14.83 -37.21 1.24
C TYR A 318 -14.64 -37.94 2.57
N THR A 319 -13.40 -38.30 2.87
CA THR A 319 -13.06 -38.98 4.12
C THR A 319 -12.28 -38.03 5.01
N THR A 320 -12.60 -38.05 6.30
CA THR A 320 -11.91 -37.21 7.26
C THR A 320 -10.42 -37.56 7.27
N PRO A 321 -9.53 -36.57 7.19
CA PRO A 321 -8.10 -36.87 7.23
C PRO A 321 -7.71 -37.43 8.60
N GLU A 322 -6.73 -38.34 8.59
CA GLU A 322 -6.21 -38.87 9.83
C GLU A 322 -5.49 -37.83 10.66
N ASP A 323 -5.12 -36.69 10.06
CA ASP A 323 -4.52 -35.58 10.79
C ASP A 323 -5.54 -34.81 11.62
N ALA A 324 -6.83 -35.11 11.46
CA ALA A 324 -7.86 -34.39 12.20
C ALA A 324 -7.70 -34.61 13.70
N THR A 325 -7.88 -33.53 14.47
CA THR A 325 -7.77 -33.55 15.93
C THR A 325 -9.10 -33.05 16.49
N PRO A 326 -10.08 -33.93 16.64
CA PRO A 326 -11.33 -33.56 17.31
C PRO A 326 -11.31 -33.94 18.79
N GLU A 327 -12.15 -33.25 19.55
CA GLU A 327 -12.36 -33.63 20.94
C GLU A 327 -13.43 -34.72 21.02
N PRO A 328 -13.32 -35.64 21.98
CA PRO A 328 -14.26 -36.77 22.02
C PRO A 328 -15.68 -36.30 22.30
N GLY A 329 -16.64 -36.89 21.57
CA GLY A 329 -18.03 -36.52 21.71
C GLY A 329 -18.69 -36.22 20.37
N GLU A 330 -17.90 -35.74 19.41
CA GLU A 330 -18.43 -35.37 18.10
C GLU A 330 -18.57 -36.63 17.24
N ASP A 331 -19.80 -36.91 16.80
CA ASP A 331 -20.04 -38.03 15.91
C ASP A 331 -19.31 -37.82 14.59
N PRO A 332 -18.98 -38.90 13.88
CA PRO A 332 -18.27 -38.76 12.60
C PRO A 332 -19.05 -38.04 11.52
N ARG A 333 -20.29 -37.62 11.78
CA ARG A 333 -21.04 -36.84 10.81
C ARG A 333 -20.68 -35.36 10.88
N VAL A 334 -20.50 -34.83 12.09
CA VAL A 334 -20.16 -33.42 12.25
C VAL A 334 -18.66 -33.18 12.11
N THR A 335 -17.82 -34.12 12.55
CA THR A 335 -16.38 -33.96 12.36
C THR A 335 -16.01 -34.02 10.89
N ARG A 336 -16.67 -34.89 10.12
CA ARG A 336 -16.42 -34.93 8.68
C ARG A 336 -16.96 -33.67 7.98
N ALA A 337 -17.96 -33.03 8.56
CA ALA A 337 -18.48 -31.79 7.99
C ALA A 337 -17.63 -30.59 8.40
N LYS A 338 -17.13 -30.58 9.63
CA LYS A 338 -16.29 -29.48 10.08
C LYS A 338 -15.00 -29.41 9.26
N TYR A 339 -14.44 -30.55 8.89
CA TYR A 339 -13.19 -30.58 8.15
C TYR A 339 -13.40 -30.47 6.65
N PHE A 340 -14.59 -30.76 6.14
CA PHE A 340 -14.86 -30.53 4.72
C PHE A 340 -15.04 -29.05 4.44
N ILE A 341 -15.76 -28.34 5.31
CA ILE A 341 -15.90 -26.89 5.16
C ILE A 341 -14.54 -26.21 5.26
N ARG A 342 -13.71 -26.66 6.21
CA ARG A 342 -12.37 -26.09 6.35
C ARG A 342 -11.51 -26.38 5.13
N ASP A 343 -11.70 -27.54 4.49
CA ASP A 343 -10.95 -27.87 3.29
C ASP A 343 -11.43 -27.11 2.07
N GLU A 344 -12.61 -26.50 2.13
CA GLU A 344 -13.07 -25.66 1.03
C GLU A 344 -12.44 -24.28 1.08
N PHE A 345 -12.19 -23.75 2.27
CA PHE A 345 -11.53 -22.45 2.39
C PHE A 345 -10.03 -22.54 2.20
N LEU A 346 -9.42 -23.65 2.63
CA LEU A 346 -7.99 -23.86 2.40
C LEU A 346 -7.68 -24.14 0.94
N ARG A 347 -8.67 -24.59 0.17
CA ARG A 347 -8.47 -24.72 -1.28
C ARG A 347 -8.33 -23.37 -1.94
N ILE A 348 -9.03 -22.35 -1.43
CA ILE A 348 -8.88 -21.00 -1.96
C ILE A 348 -7.57 -20.39 -1.49
N SER A 349 -7.15 -20.72 -0.26
CA SER A 349 -5.96 -20.10 0.32
C SER A 349 -4.67 -20.64 -0.28
N THR A 350 -4.60 -21.94 -0.55
CA THR A 350 -3.39 -22.56 -1.06
C THR A 350 -3.26 -22.46 -2.58
N ALA A 351 -4.24 -21.86 -3.24
CA ALA A 351 -4.15 -21.68 -4.69
C ALA A 351 -3.44 -20.39 -5.05
N SER A 352 -3.57 -19.36 -4.21
CA SER A 352 -3.00 -18.04 -4.48
C SER A 352 -2.35 -17.42 -3.25
N GLY A 353 -1.71 -18.22 -2.39
CA GLY A 353 -1.10 -17.67 -1.19
C GLY A 353 0.11 -16.80 -1.51
N ASP A 354 1.14 -17.41 -2.10
CA ASP A 354 2.37 -16.78 -2.57
C ASP A 354 3.25 -16.28 -1.43
N GLY A 355 2.82 -16.37 -0.18
CA GLY A 355 3.64 -15.97 0.94
C GLY A 355 3.44 -14.56 1.43
N ARG A 356 2.37 -13.88 0.99
CA ARG A 356 2.12 -12.52 1.46
C ARG A 356 1.14 -12.51 2.63
N HIS A 357 0.16 -13.41 2.60
CA HIS A 357 -0.89 -13.46 3.60
C HIS A 357 -1.29 -14.91 3.83
N TYR A 358 -1.81 -15.18 5.02
CA TYR A 358 -2.10 -16.54 5.44
C TYR A 358 -3.50 -16.61 6.03
N CYS A 359 -4.10 -17.80 5.93
CA CYS A 359 -5.43 -18.06 6.46
C CYS A 359 -5.30 -18.91 7.72
N TYR A 360 -6.08 -18.54 8.74
CA TYR A 360 -6.06 -19.21 10.04
C TYR A 360 -7.46 -19.72 10.33
N PRO A 361 -7.81 -20.89 9.82
CA PRO A 361 -9.17 -21.42 10.04
C PRO A 361 -9.31 -22.04 11.42
N HIS A 362 -10.43 -21.74 12.07
CA HIS A 362 -10.71 -22.26 13.40
C HIS A 362 -12.11 -22.82 13.48
N PHE A 363 -12.51 -23.27 14.68
CA PHE A 363 -13.84 -23.83 14.90
C PHE A 363 -14.47 -23.15 16.11
N THR A 364 -15.79 -23.08 16.10
CA THR A 364 -16.53 -22.46 17.19
C THR A 364 -17.88 -23.14 17.40
N ASN A 371 -13.18 -17.25 19.98
CA ASN A 371 -12.29 -16.92 21.10
C ASN A 371 -11.35 -15.78 20.73
N ILE A 372 -11.15 -14.85 21.66
CA ILE A 372 -10.22 -13.75 21.42
C ILE A 372 -8.78 -14.17 21.68
N ARG A 373 -8.55 -15.26 22.41
CA ARG A 373 -7.19 -15.76 22.59
C ARG A 373 -6.65 -16.35 21.30
N ARG A 374 -7.52 -16.92 20.46
CA ARG A 374 -7.09 -17.41 19.15
C ARG A 374 -6.72 -16.25 18.23
N VAL A 375 -7.46 -15.15 18.29
CA VAL A 375 -7.09 -13.96 17.53
C VAL A 375 -5.79 -13.36 18.06
N PHE A 376 -5.60 -13.40 19.38
CA PHE A 376 -4.35 -12.93 19.98
C PHE A 376 -3.18 -13.78 19.51
N ASN A 377 -3.37 -15.10 19.44
CA ASN A 377 -2.29 -15.99 19.03
C ASN A 377 -2.08 -15.98 17.52
N ASP A 378 -3.11 -15.63 16.75
CA ASP A 378 -3.00 -15.61 15.30
C ASP A 378 -2.44 -14.30 14.77
N CYS A 379 -2.73 -13.17 15.44
CA CYS A 379 -2.12 -11.91 15.04
C CYS A 379 -0.63 -11.87 15.35
N ARG A 380 -0.20 -12.57 16.41
CA ARG A 380 1.23 -12.66 16.70
C ARG A 380 1.94 -13.48 15.62
N ASP A 381 1.27 -14.48 15.06
CA ASP A 381 1.85 -15.25 13.97
C ASP A 381 1.89 -14.42 12.69
N ILE A 382 0.96 -13.48 12.55
CA ILE A 382 0.93 -12.62 11.37
C ILE A 382 2.07 -11.61 11.42
N ILE A 383 2.33 -11.06 12.60
CA ILE A 383 3.39 -10.05 12.74
C ILE A 383 4.76 -10.71 12.63
N GLN A 384 4.89 -11.91 13.21
CA GLN A 384 6.17 -12.61 13.14
C GLN A 384 6.53 -12.96 11.70
N ARG A 385 5.56 -13.42 10.92
CA ARG A 385 5.84 -13.74 9.52
C ARG A 385 6.08 -12.47 8.71
N MET A 386 5.49 -11.35 9.13
CA MET A 386 5.75 -10.08 8.46
C MET A 386 7.17 -9.61 8.72
N HIS A 387 7.69 -9.88 9.91
CA HIS A 387 9.06 -9.51 10.22
C HIS A 387 10.05 -10.43 9.52
N LEU A 388 9.73 -11.72 9.44
CA LEU A 388 10.61 -12.67 8.78
C LEU A 388 10.66 -12.41 7.28
N ARG A 389 9.62 -11.80 6.73
CA ARG A 389 9.57 -11.53 5.29
C ARG A 389 10.40 -10.29 4.95
N GLN A 390 10.46 -9.33 5.85
CA GLN A 390 11.28 -8.13 5.62
C GLN A 390 12.76 -8.48 5.66
N TYR A 391 13.13 -9.44 6.51
CA TYR A 391 14.52 -9.86 6.59
C TYR A 391 14.86 -10.93 5.55
N GLU A 392 13.90 -11.31 4.72
CA GLU A 392 14.00 -12.40 3.75
C GLU A 392 14.43 -13.71 4.39
N LEU A 393 14.08 -13.95 5.66
CA LEU A 393 14.32 -15.26 6.25
C LEU A 393 13.29 -16.26 5.80
N LEU A 394 12.15 -15.78 5.31
CA LEU A 394 11.10 -16.65 4.78
C LEU A 394 10.99 -16.51 3.27
N GLU B 13 -47.26 -3.83 -17.04
CA GLU B 13 -46.50 -2.72 -16.48
C GLU B 13 -45.13 -3.17 -15.98
N LEU B 14 -45.03 -4.46 -15.65
CA LEU B 14 -43.77 -4.98 -15.11
C LEU B 14 -42.68 -5.01 -16.17
N ASP B 15 -43.05 -5.25 -17.44
CA ASP B 15 -42.09 -5.30 -18.53
C ASP B 15 -42.45 -4.42 -19.71
N GLN B 16 -43.69 -3.93 -19.80
CA GLN B 16 -44.04 -2.96 -20.83
C GLN B 16 -43.40 -1.60 -20.59
N LEU B 17 -42.90 -1.35 -19.38
CA LEU B 17 -42.14 -0.14 -19.09
C LEU B 17 -40.67 -0.32 -19.42
N ARG B 18 -40.12 -1.52 -19.25
CA ARG B 18 -38.78 -1.80 -19.73
C ARG B 18 -38.70 -1.70 -21.24
N GLN B 19 -39.79 -2.05 -21.95
CA GLN B 19 -39.83 -1.86 -23.39
C GLN B 19 -39.92 -0.40 -23.77
N GLU B 20 -40.63 0.41 -22.98
CA GLU B 20 -40.73 1.83 -23.25
C GLU B 20 -39.47 2.58 -22.82
N ALA B 21 -38.74 2.05 -21.84
CA ALA B 21 -37.53 2.72 -21.37
C ALA B 21 -36.42 2.69 -22.41
N GLU B 22 -36.33 1.62 -23.20
CA GLU B 22 -35.34 1.55 -24.26
C GLU B 22 -35.81 2.21 -25.55
N GLN B 23 -37.10 2.55 -25.65
CA GLN B 23 -37.55 3.40 -26.74
C GLN B 23 -37.01 4.82 -26.62
N LEU B 24 -36.68 5.25 -25.40
CA LEU B 24 -36.02 6.53 -25.18
C LEU B 24 -34.51 6.40 -25.14
N LYS B 25 -33.99 5.23 -24.79
CA LYS B 25 -32.55 5.02 -24.84
C LYS B 25 -32.03 5.08 -26.27
N ASN B 26 -32.79 4.54 -27.22
CA ASN B 26 -32.40 4.61 -28.62
C ASN B 26 -32.76 5.94 -29.26
N GLN B 27 -33.69 6.69 -28.68
CA GLN B 27 -33.99 8.03 -29.15
C GLN B 27 -32.96 9.04 -28.68
N ILE B 28 -32.48 8.90 -27.43
CA ILE B 28 -31.39 9.75 -26.95
C ILE B 28 -30.09 9.36 -27.64
N ARG B 29 -29.92 8.08 -27.96
CA ARG B 29 -28.72 7.65 -28.68
C ARG B 29 -28.66 8.22 -30.08
N ASP B 30 -29.83 8.47 -30.69
CA ASP B 30 -29.87 9.05 -32.04
C ASP B 30 -29.78 10.56 -32.03
N ALA B 31 -30.26 11.21 -30.97
CA ALA B 31 -30.10 12.66 -30.85
C ALA B 31 -28.66 13.02 -30.50
N ARG B 32 -27.92 12.10 -29.87
CA ARG B 32 -26.52 12.35 -29.56
C ARG B 32 -25.63 12.08 -30.77
N LYS B 33 -26.04 11.18 -31.65
CA LYS B 33 -25.26 10.89 -32.85
C LYS B 33 -25.58 11.82 -34.00
N ALA B 34 -26.79 12.37 -34.05
CA ALA B 34 -27.12 13.34 -35.08
C ALA B 34 -26.32 14.63 -34.91
N CYS B 35 -25.99 15.00 -33.68
CA CYS B 35 -25.19 16.17 -33.41
C CYS B 35 -23.70 15.88 -33.36
N ALA B 36 -23.29 14.63 -33.57
CA ALA B 36 -21.87 14.27 -33.58
C ALA B 36 -21.32 14.43 -35.00
N ASP B 37 -21.36 15.67 -35.47
CA ASP B 37 -20.93 16.00 -36.82
C ASP B 37 -19.41 15.96 -36.98
N ALA B 38 -18.66 15.95 -35.88
CA ALA B 38 -17.21 15.96 -35.94
C ALA B 38 -16.65 15.27 -34.70
N THR B 39 -15.36 15.46 -34.45
CA THR B 39 -14.69 14.87 -33.30
C THR B 39 -13.68 15.87 -32.76
N LEU B 40 -13.58 15.94 -31.43
CA LEU B 40 -12.60 16.82 -30.81
C LEU B 40 -11.19 16.52 -31.28
N SER B 41 -10.89 15.25 -31.56
CA SER B 41 -9.59 14.87 -32.08
C SER B 41 -9.41 15.22 -33.56
N GLN B 42 -10.49 15.61 -34.24
CA GLN B 42 -10.40 16.02 -35.64
C GLN B 42 -10.15 17.51 -35.81
N ILE B 43 -10.80 18.35 -34.99
CA ILE B 43 -10.68 19.79 -35.13
C ILE B 43 -9.49 20.36 -34.36
N THR B 44 -8.92 19.62 -33.42
CA THR B 44 -7.70 20.03 -32.73
C THR B 44 -6.47 19.36 -33.32
N ASN B 45 -6.55 18.91 -34.57
CA ASN B 45 -5.43 18.21 -35.18
C ASN B 45 -4.34 19.15 -35.66
N ASN B 46 -4.66 20.44 -35.84
CA ASN B 46 -3.70 21.40 -36.36
C ASN B 46 -3.09 22.29 -35.28
N ILE B 47 -3.61 22.27 -34.06
CA ILE B 47 -3.02 23.05 -32.99
C ILE B 47 -1.68 22.44 -32.58
N ASP B 48 -0.78 23.27 -32.09
CA ASP B 48 0.53 22.78 -31.72
C ASP B 48 0.48 22.09 -30.37
N PRO B 49 1.06 20.91 -30.23
CA PRO B 49 1.00 20.19 -28.94
C PRO B 49 1.81 20.92 -27.89
N VAL B 50 1.56 20.54 -26.65
CA VAL B 50 2.31 21.07 -25.52
C VAL B 50 3.66 20.37 -25.46
N GLY B 51 4.67 21.09 -24.99
CA GLY B 51 5.97 20.48 -24.81
C GLY B 51 5.94 19.43 -23.71
N ARG B 52 6.97 18.58 -23.71
CA ARG B 52 7.10 17.57 -22.66
C ARG B 52 7.16 18.26 -21.31
N ILE B 53 6.12 18.11 -20.50
CA ILE B 53 5.98 18.84 -19.26
C ILE B 53 6.62 18.01 -18.15
N GLN B 54 7.71 18.52 -17.59
CA GLN B 54 8.48 17.83 -16.56
C GLN B 54 8.37 18.64 -15.27
N MET B 55 7.32 18.36 -14.51
CA MET B 55 7.12 18.99 -13.22
C MET B 55 7.87 18.21 -12.14
N ARG B 56 8.53 18.94 -11.25
CA ARG B 56 9.33 18.34 -10.20
C ARG B 56 8.71 18.60 -8.84
N THR B 57 9.01 17.71 -7.90
CA THR B 57 8.45 17.80 -6.55
C THR B 57 9.08 18.96 -5.81
N ARG B 58 8.29 20.00 -5.53
CA ARG B 58 8.77 21.14 -4.78
C ARG B 58 8.74 20.88 -3.28
N ARG B 59 7.60 20.44 -2.76
CA ARG B 59 7.46 20.13 -1.35
C ARG B 59 7.04 18.68 -1.17
N THR B 60 7.31 18.14 0.01
CA THR B 60 6.87 16.80 0.40
C THR B 60 6.40 16.89 1.84
N LEU B 61 5.08 16.94 2.02
CA LEU B 61 4.50 17.13 3.34
C LEU B 61 4.38 15.80 4.06
N ARG B 62 5.12 15.65 5.16
CA ARG B 62 5.11 14.44 5.96
C ARG B 62 4.48 14.71 7.31
N GLY B 63 3.90 13.66 7.89
CA GLY B 63 3.28 13.79 9.20
C GLY B 63 2.05 12.93 9.39
N HIS B 64 1.56 12.32 8.33
CA HIS B 64 0.42 11.40 8.39
C HIS B 64 0.96 10.00 8.66
N LEU B 65 0.28 9.26 9.55
CA LEU B 65 0.78 7.95 9.94
C LEU B 65 0.28 6.85 9.03
N ALA B 66 -0.87 7.05 8.39
CA ALA B 66 -1.51 6.04 7.56
C ALA B 66 -1.80 6.61 6.17
N LYS B 67 -2.57 5.85 5.39
CA LYS B 67 -2.92 6.25 4.04
C LYS B 67 -3.61 7.61 4.04
N ILE B 68 -3.44 8.33 2.94
CA ILE B 68 -4.10 9.60 2.70
C ILE B 68 -5.17 9.37 1.64
N TYR B 69 -6.44 9.60 2.00
CA TYR B 69 -7.52 9.42 1.05
C TYR B 69 -7.95 10.69 0.35
N ALA B 70 -7.81 11.84 0.98
CA ALA B 70 -8.30 13.07 0.37
C ALA B 70 -7.45 14.25 0.81
N MET B 71 -7.37 15.24 -0.07
CA MET B 71 -6.85 16.56 0.23
C MET B 71 -7.70 17.58 -0.52
N HIS B 72 -7.61 18.84 -0.09
CA HIS B 72 -8.34 19.89 -0.79
C HIS B 72 -7.57 21.19 -0.63
N TRP B 73 -7.42 21.93 -1.72
CA TRP B 73 -6.73 23.21 -1.66
C TRP B 73 -7.65 24.28 -1.10
N GLY B 74 -7.06 25.25 -0.41
CA GLY B 74 -7.78 26.45 -0.06
C GLY B 74 -7.86 27.42 -1.22
N THR B 75 -8.79 28.36 -1.12
CA THR B 75 -8.95 29.33 -2.21
C THR B 75 -7.79 30.31 -2.29
N ASP B 76 -7.02 30.46 -1.23
CA ASP B 76 -5.84 31.32 -1.27
C ASP B 76 -4.63 30.62 -1.87
N SER B 77 -4.77 29.37 -2.30
CA SER B 77 -3.73 28.57 -2.95
C SER B 77 -2.51 28.36 -2.07
N ARG B 78 -2.61 28.59 -0.78
CA ARG B 78 -1.50 28.41 0.16
C ARG B 78 -1.75 27.33 1.18
N LEU B 79 -2.93 27.30 1.79
CA LEU B 79 -3.28 26.28 2.77
C LEU B 79 -4.02 25.14 2.09
N LEU B 80 -3.78 23.92 2.56
CA LEU B 80 -4.47 22.75 2.08
C LEU B 80 -4.74 21.79 3.23
N VAL B 81 -5.93 21.22 3.23
CA VAL B 81 -6.32 20.24 4.24
C VAL B 81 -6.04 18.85 3.70
N SER B 82 -5.78 17.92 4.60
CA SER B 82 -5.49 16.54 4.23
C SER B 82 -6.19 15.61 5.20
N ALA B 83 -6.66 14.48 4.67
CA ALA B 83 -7.41 13.50 5.46
C ALA B 83 -6.72 12.16 5.36
N SER B 84 -6.25 11.66 6.50
CA SER B 84 -5.60 10.36 6.56
C SER B 84 -6.44 9.41 7.39
N GLN B 85 -6.27 8.11 7.13
CA GLN B 85 -7.07 7.09 7.80
C GLN B 85 -6.49 6.66 9.13
N ASP B 86 -5.51 7.39 9.66
CA ASP B 86 -5.07 7.19 11.03
C ASP B 86 -5.88 8.01 12.02
N GLY B 87 -6.82 8.82 11.54
CA GLY B 87 -7.68 9.61 12.40
C GLY B 87 -7.29 11.05 12.57
N LYS B 88 -6.55 11.64 11.63
CA LYS B 88 -6.12 13.02 11.73
C LYS B 88 -6.54 13.80 10.49
N LEU B 89 -6.78 15.09 10.69
CA LEU B 89 -7.11 16.02 9.62
C LEU B 89 -6.13 17.19 9.75
N ILE B 90 -5.03 17.14 9.00
CA ILE B 90 -3.94 18.09 9.13
C ILE B 90 -4.11 19.20 8.09
N ILE B 91 -4.01 20.45 8.54
CA ILE B 91 -4.00 21.61 7.66
C ILE B 91 -2.57 22.09 7.52
N TRP B 92 -2.10 22.19 6.28
CA TRP B 92 -0.71 22.51 5.99
C TRP B 92 -0.59 23.94 5.49
N ASP B 93 0.66 24.41 5.46
CA ASP B 93 1.03 25.65 4.77
C ASP B 93 1.98 25.22 3.65
N SER B 94 1.48 25.21 2.42
CA SER B 94 2.24 24.65 1.31
C SER B 94 3.52 25.42 1.04
N TYR B 95 3.54 26.74 1.31
CA TYR B 95 4.74 27.52 1.06
C TYR B 95 5.84 27.19 2.07
N THR B 96 5.46 26.99 3.33
CA THR B 96 6.41 26.78 4.40
C THR B 96 6.55 25.32 4.82
N THR B 97 5.58 24.47 4.44
CA THR B 97 5.49 23.07 4.88
C THR B 97 5.30 22.95 6.38
N ASN B 98 4.62 23.92 6.98
CA ASN B 98 4.35 23.92 8.42
C ASN B 98 2.92 23.47 8.65
N LYS B 99 2.73 22.56 9.60
CA LYS B 99 1.39 22.15 9.97
C LYS B 99 0.70 23.24 10.77
N VAL B 100 -0.42 23.73 10.26
CA VAL B 100 -1.19 24.78 10.90
C VAL B 100 -2.17 24.21 11.91
N HIS B 101 -2.83 23.11 11.57
CA HIS B 101 -3.77 22.45 12.48
C HIS B 101 -3.59 20.95 12.37
N ALA B 102 -4.12 20.24 13.37
CA ALA B 102 -4.14 18.78 13.35
C ALA B 102 -5.37 18.35 14.16
N ILE B 103 -6.45 18.03 13.45
CA ILE B 103 -7.75 17.78 14.06
C ILE B 103 -7.91 16.28 14.26
N PRO B 104 -7.95 15.78 15.50
CA PRO B 104 -8.20 14.36 15.73
C PRO B 104 -9.67 14.03 15.51
N LEU B 105 -9.93 13.12 14.58
CA LEU B 105 -11.30 12.75 14.23
C LEU B 105 -11.81 11.65 15.13
N ARG B 106 -13.13 11.64 15.34
CA ARG B 106 -13.74 10.61 16.18
C ARG B 106 -13.76 9.26 15.49
N SER B 107 -14.02 9.22 14.19
CA SER B 107 -13.95 8.00 13.40
C SER B 107 -12.64 7.95 12.64
N SER B 108 -11.99 6.79 12.64
CA SER B 108 -10.68 6.64 12.04
C SER B 108 -10.71 6.51 10.52
N TRP B 109 -11.84 6.08 9.95
CA TRP B 109 -11.91 5.80 8.52
C TRP B 109 -12.65 6.94 7.84
N VAL B 110 -11.89 7.95 7.44
CA VAL B 110 -12.41 9.10 6.72
C VAL B 110 -11.96 9.00 5.27
N MET B 111 -12.92 9.13 4.35
CA MET B 111 -12.65 8.95 2.93
C MET B 111 -12.71 10.26 2.16
N THR B 112 -12.97 11.38 2.83
CA THR B 112 -13.06 12.66 2.14
C THR B 112 -12.79 13.79 3.12
N CYS B 113 -12.50 14.95 2.57
CA CYS B 113 -12.31 16.17 3.33
C CYS B 113 -12.51 17.35 2.39
N ALA B 114 -13.03 18.44 2.93
CA ALA B 114 -13.28 19.64 2.13
C ALA B 114 -12.74 20.85 2.87
N TYR B 115 -12.46 21.90 2.11
CA TYR B 115 -12.03 23.18 2.65
C TYR B 115 -13.07 24.22 2.26
N ALA B 116 -13.59 24.95 3.23
CA ALA B 116 -14.57 25.98 2.92
C ALA B 116 -13.91 27.07 2.07
N PRO B 117 -14.63 27.61 1.08
CA PRO B 117 -14.06 28.73 0.32
C PRO B 117 -13.75 29.94 1.17
N SER B 118 -14.43 30.10 2.31
CA SER B 118 -14.09 31.17 3.22
C SER B 118 -12.80 30.89 3.97
N GLY B 119 -12.43 29.62 4.11
CA GLY B 119 -11.29 29.25 4.91
C GLY B 119 -11.57 29.14 6.39
N ASN B 120 -12.84 29.19 6.79
CA ASN B 120 -13.22 29.10 8.19
C ASN B 120 -13.57 27.70 8.65
N TYR B 121 -14.07 26.85 7.74
CA TYR B 121 -14.50 25.51 8.10
C TYR B 121 -13.81 24.48 7.22
N VAL B 122 -13.75 23.25 7.73
CA VAL B 122 -13.35 22.09 6.96
C VAL B 122 -14.35 20.99 7.22
N ALA B 123 -14.69 20.22 6.19
CA ALA B 123 -15.59 19.10 6.32
C ALA B 123 -14.80 17.80 6.35
N CYS B 124 -15.48 16.73 6.75
CA CYS B 124 -14.83 15.43 6.87
C CYS B 124 -15.93 14.37 6.98
N GLY B 125 -15.72 13.24 6.31
CA GLY B 125 -16.68 12.16 6.37
C GLY B 125 -16.04 10.85 5.97
N GLY B 126 -16.74 9.77 6.25
CA GLY B 126 -16.23 8.46 5.93
C GLY B 126 -17.20 7.34 6.26
N LEU B 127 -16.67 6.25 6.81
CA LEU B 127 -17.49 5.06 7.07
C LEU B 127 -18.46 5.23 8.22
N ASP B 128 -18.41 6.36 8.94
CA ASP B 128 -19.36 6.63 10.02
C ASP B 128 -20.67 7.22 9.50
N ASN B 129 -20.80 7.42 8.20
CA ASN B 129 -21.96 8.02 7.53
C ASN B 129 -22.23 9.44 7.98
N ILE B 130 -21.27 10.13 8.57
CA ILE B 130 -21.46 11.44 9.17
C ILE B 130 -20.49 12.43 8.53
N CYS B 131 -20.99 13.62 8.21
CA CYS B 131 -20.17 14.73 7.77
C CYS B 131 -19.96 15.67 8.95
N SER B 132 -18.73 15.80 9.38
CA SER B 132 -18.40 16.67 10.50
C SER B 132 -17.85 17.99 9.97
N ILE B 133 -18.35 19.10 10.51
CA ILE B 133 -17.92 20.44 10.13
C ILE B 133 -17.10 21.01 11.27
N TYR B 134 -15.85 21.33 11.00
CA TYR B 134 -14.92 21.81 12.03
C TYR B 134 -14.69 23.31 11.87
N ASN B 135 -14.96 24.04 12.95
CA ASN B 135 -14.78 25.49 12.98
C ASN B 135 -13.32 25.79 13.28
N LEU B 136 -12.62 26.33 12.28
CA LEU B 136 -11.20 26.63 12.46
C LEU B 136 -11.00 27.94 13.22
N LYS B 137 -11.80 28.95 12.92
CA LYS B 137 -11.65 30.27 13.53
C LYS B 137 -12.64 30.40 14.68
N THR B 138 -12.25 29.86 15.83
CA THR B 138 -13.04 30.00 17.06
C THR B 138 -12.37 31.01 17.97
N ARG B 139 -13.18 31.68 18.78
CA ARG B 139 -12.67 32.74 19.65
C ARG B 139 -11.75 32.19 20.72
N GLU B 140 -12.10 31.03 21.29
CA GLU B 140 -11.28 30.42 22.34
C GLU B 140 -10.01 29.77 21.81
N GLY B 141 -9.76 29.85 20.51
CA GLY B 141 -8.49 29.39 19.95
C GLY B 141 -8.32 27.89 19.85
N ASN B 142 -9.26 27.20 19.22
CA ASN B 142 -9.12 25.77 18.97
C ASN B 142 -10.05 25.36 17.85
N VAL B 143 -9.81 24.17 17.30
CA VAL B 143 -10.65 23.62 16.24
C VAL B 143 -11.66 22.69 16.89
N ARG B 144 -12.91 23.12 16.95
CA ARG B 144 -14.00 22.34 17.51
C ARG B 144 -14.98 21.96 16.40
N VAL B 145 -15.57 20.78 16.53
CA VAL B 145 -16.59 20.33 15.58
C VAL B 145 -17.86 21.12 15.83
N SER B 146 -18.35 21.81 14.79
CA SER B 146 -19.52 22.65 14.93
C SER B 146 -20.81 21.88 14.65
N ARG B 147 -20.85 21.13 13.56
CA ARG B 147 -22.03 20.36 13.18
C ARG B 147 -21.62 18.95 12.78
N GLU B 148 -22.57 18.02 12.92
CA GLU B 148 -22.39 16.64 12.48
C GLU B 148 -23.60 16.27 11.63
N LEU B 149 -23.43 16.33 10.31
CA LEU B 149 -24.52 16.08 9.37
C LEU B 149 -24.74 14.59 9.26
N ALA B 150 -25.63 14.08 10.10
CA ALA B 150 -25.94 12.65 10.16
C ALA B 150 -27.25 12.36 9.42
N GLY B 151 -27.36 11.13 8.93
CA GLY B 151 -28.59 10.71 8.28
C GLY B 151 -28.44 10.39 6.81
N HIS B 152 -27.29 9.86 6.41
CA HIS B 152 -27.00 9.68 5.00
C HIS B 152 -26.85 8.21 4.62
N THR B 153 -26.94 7.28 5.58
CA THR B 153 -27.26 5.87 5.34
C THR B 153 -26.13 5.11 4.64
N GLY B 154 -25.07 5.80 4.23
CA GLY B 154 -23.95 5.16 3.57
C GLY B 154 -22.71 5.99 3.70
N TYR B 155 -21.56 5.35 3.53
CA TYR B 155 -20.28 6.03 3.73
C TYR B 155 -20.17 7.23 2.80
N LEU B 156 -19.66 8.33 3.32
CA LEU B 156 -19.48 9.53 2.52
C LEU B 156 -18.24 9.40 1.65
N SER B 157 -18.43 9.58 0.35
CA SER B 157 -17.34 9.49 -0.62
C SER B 157 -16.74 10.85 -0.95
N CYS B 158 -17.55 11.91 -0.90
CA CYS B 158 -17.10 13.24 -1.25
C CYS B 158 -18.00 14.26 -0.57
N CYS B 159 -17.45 15.45 -0.34
CA CYS B 159 -18.20 16.56 0.21
C CYS B 159 -17.59 17.85 -0.32
N ARG B 160 -18.44 18.83 -0.59
CA ARG B 160 -17.99 20.09 -1.19
C ARG B 160 -18.83 21.23 -0.64
N PHE B 161 -18.17 22.25 -0.12
CA PHE B 161 -18.88 23.41 0.39
C PHE B 161 -19.43 24.25 -0.75
N LEU B 162 -20.63 24.79 -0.55
CA LEU B 162 -21.17 25.83 -1.42
C LEU B 162 -20.96 27.21 -0.81
N ASP B 163 -21.25 27.34 0.47
CA ASP B 163 -21.07 28.55 1.24
C ASP B 163 -20.50 28.14 2.60
N ASP B 164 -20.52 29.05 3.57
CA ASP B 164 -20.18 28.67 4.93
C ASP B 164 -21.33 27.92 5.60
N ASN B 165 -22.51 27.93 4.99
CA ASN B 165 -23.72 27.36 5.57
C ASN B 165 -24.46 26.50 4.57
N GLN B 166 -23.72 25.79 3.71
CA GLN B 166 -24.34 24.96 2.69
C GLN B 166 -23.27 24.07 2.10
N ILE B 167 -23.58 22.78 1.94
CA ILE B 167 -22.57 21.79 1.55
C ILE B 167 -23.27 20.62 0.87
N VAL B 168 -22.68 20.15 -0.22
CA VAL B 168 -23.16 18.98 -0.95
C VAL B 168 -22.28 17.79 -0.61
N THR B 169 -22.90 16.65 -0.30
CA THR B 169 -22.18 15.42 0.02
C THR B 169 -22.72 14.28 -0.83
N SER B 170 -21.82 13.42 -1.29
CA SER B 170 -22.19 12.17 -1.94
C SER B 170 -21.92 11.02 -0.98
N SER B 171 -22.71 9.96 -1.11
CA SER B 171 -22.65 8.86 -0.17
C SER B 171 -22.71 7.54 -0.92
N GLY B 172 -22.20 6.50 -0.27
CA GLY B 172 -22.22 5.16 -0.82
C GLY B 172 -23.57 4.50 -0.87
N ASP B 173 -24.63 5.18 -0.42
CA ASP B 173 -25.99 4.67 -0.52
C ASP B 173 -26.70 5.16 -1.77
N THR B 174 -25.95 5.45 -2.85
CA THR B 174 -26.46 5.90 -4.14
C THR B 174 -27.23 7.21 -4.07
N THR B 175 -26.86 8.11 -3.16
CA THR B 175 -27.61 9.32 -2.92
C THR B 175 -26.68 10.48 -2.58
N CYS B 176 -26.85 11.59 -3.28
CA CYS B 176 -26.24 12.86 -2.92
C CYS B 176 -27.24 13.71 -2.14
N ALA B 177 -26.73 14.60 -1.29
CA ALA B 177 -27.58 15.38 -0.42
C ALA B 177 -27.03 16.80 -0.30
N LEU B 178 -27.94 17.75 -0.15
CA LEU B 178 -27.61 19.15 0.04
C LEU B 178 -28.02 19.54 1.46
N TRP B 179 -27.07 19.99 2.26
CA TRP B 179 -27.28 20.22 3.68
C TRP B 179 -27.25 21.69 4.02
N ASP B 180 -28.16 22.10 4.90
CA ASP B 180 -28.07 23.39 5.58
C ASP B 180 -27.30 23.17 6.88
N ILE B 181 -26.14 23.81 6.99
CA ILE B 181 -25.21 23.45 8.06
C ILE B 181 -25.72 23.91 9.42
N GLU B 182 -26.29 25.11 9.51
CA GLU B 182 -26.71 25.63 10.81
C GLU B 182 -27.83 24.81 11.42
N THR B 183 -28.84 24.44 10.64
CA THR B 183 -29.93 23.62 11.14
C THR B 183 -29.61 22.13 11.11
N GLY B 184 -28.82 21.68 10.13
CA GLY B 184 -28.35 20.32 10.10
C GLY B 184 -29.22 19.33 9.35
N GLN B 185 -30.21 19.80 8.59
CA GLN B 185 -31.09 18.94 7.83
C GLN B 185 -30.85 19.09 6.34
N GLN B 186 -31.04 18.00 5.62
CA GLN B 186 -30.94 18.03 4.17
C GLN B 186 -32.03 18.91 3.58
N THR B 187 -31.64 19.90 2.77
CA THR B 187 -32.60 20.71 2.06
C THR B 187 -33.00 20.10 0.73
N THR B 188 -32.14 19.28 0.13
CA THR B 188 -32.46 18.58 -1.10
C THR B 188 -31.79 17.22 -1.10
N THR B 189 -32.42 16.26 -1.76
CA THR B 189 -31.89 14.91 -1.90
C THR B 189 -31.81 14.57 -3.37
N PHE B 190 -30.62 14.20 -3.82
CA PHE B 190 -30.35 13.93 -5.23
C PHE B 190 -30.26 12.43 -5.43
N THR B 191 -31.40 11.81 -5.73
CA THR B 191 -31.48 10.38 -6.01
C THR B 191 -31.56 10.12 -7.50
N GLY B 192 -31.20 8.90 -7.88
CA GLY B 192 -31.22 8.52 -9.28
C GLY B 192 -30.08 7.61 -9.67
N HIS B 193 -28.97 7.70 -8.94
CA HIS B 193 -27.83 6.83 -9.20
C HIS B 193 -28.16 5.39 -8.81
N THR B 194 -27.48 4.45 -9.44
CA THR B 194 -27.70 3.03 -9.21
C THR B 194 -26.64 2.42 -8.28
N GLY B 195 -25.42 2.92 -8.31
CA GLY B 195 -24.36 2.41 -7.45
C GLY B 195 -23.84 3.49 -6.53
N ASP B 196 -22.77 3.15 -5.81
CA ASP B 196 -22.16 4.06 -4.84
C ASP B 196 -21.67 5.32 -5.52
N VAL B 197 -22.22 6.48 -5.16
CA VAL B 197 -21.72 7.74 -5.70
C VAL B 197 -20.32 7.97 -5.15
N MET B 198 -19.32 7.92 -6.02
CA MET B 198 -17.93 7.91 -5.59
C MET B 198 -17.30 9.30 -5.53
N SER B 199 -17.79 10.25 -6.34
CA SER B 199 -17.22 11.59 -6.34
C SER B 199 -18.27 12.58 -6.82
N LEU B 200 -17.98 13.85 -6.59
CA LEU B 200 -18.82 14.93 -7.09
C LEU B 200 -17.93 16.13 -7.37
N SER B 201 -18.41 17.01 -8.26
CA SER B 201 -17.68 18.21 -8.62
C SER B 201 -18.65 19.37 -8.78
N LEU B 202 -18.33 20.49 -8.16
CA LEU B 202 -19.17 21.68 -8.23
C LEU B 202 -18.78 22.53 -9.44
N ALA B 203 -19.78 23.20 -10.00
CA ALA B 203 -19.52 24.13 -11.08
C ALA B 203 -18.89 25.41 -10.53
N PRO B 204 -18.12 26.12 -11.36
CA PRO B 204 -17.52 27.38 -10.90
C PRO B 204 -18.53 28.40 -10.40
N ASP B 205 -19.77 28.36 -10.88
CA ASP B 205 -20.82 29.24 -10.39
C ASP B 205 -21.68 28.61 -9.30
N THR B 206 -21.39 27.36 -8.94
CA THR B 206 -22.10 26.64 -7.87
C THR B 206 -23.60 26.58 -8.10
N ARG B 207 -24.03 26.60 -9.36
CA ARG B 207 -25.43 26.40 -9.70
C ARG B 207 -25.76 24.97 -10.09
N LEU B 208 -24.77 24.22 -10.60
CA LEU B 208 -24.93 22.82 -10.90
C LEU B 208 -23.78 22.05 -10.28
N PHE B 209 -23.92 20.73 -10.25
CA PHE B 209 -22.81 19.86 -9.88
C PHE B 209 -22.98 18.52 -10.55
N VAL B 210 -21.87 17.84 -10.77
CA VAL B 210 -21.85 16.56 -11.46
C VAL B 210 -21.34 15.50 -10.49
N SER B 211 -21.83 14.28 -10.64
CA SER B 211 -21.48 13.19 -9.72
C SER B 211 -21.28 11.91 -10.52
N GLY B 212 -20.27 11.14 -10.16
CA GLY B 212 -20.02 9.85 -10.75
C GLY B 212 -20.20 8.73 -9.75
N ALA B 213 -20.81 7.64 -10.19
CA ALA B 213 -21.14 6.55 -9.30
C ALA B 213 -20.54 5.25 -9.82
N CYS B 214 -20.81 4.16 -9.11
CA CYS B 214 -20.30 2.84 -9.46
C CYS B 214 -21.15 2.13 -10.51
N ASP B 215 -22.12 2.82 -11.11
CA ASP B 215 -22.90 2.25 -12.21
C ASP B 215 -22.39 2.70 -13.57
N ALA B 216 -21.13 3.12 -13.64
CA ALA B 216 -20.49 3.58 -14.88
C ALA B 216 -21.24 4.76 -15.49
N SER B 217 -21.82 5.61 -14.65
CA SER B 217 -22.65 6.71 -15.10
C SER B 217 -22.32 7.97 -14.33
N ALA B 218 -22.51 9.11 -14.99
CA ALA B 218 -22.32 10.42 -14.39
C ALA B 218 -23.55 11.27 -14.66
N LYS B 219 -24.03 11.96 -13.63
CA LYS B 219 -25.27 12.73 -13.71
C LYS B 219 -24.99 14.19 -13.41
N LEU B 220 -25.65 15.08 -14.14
CA LEU B 220 -25.57 16.51 -13.91
C LEU B 220 -26.80 16.95 -13.12
N TRP B 221 -26.58 17.50 -11.93
CA TRP B 221 -27.65 17.86 -11.03
C TRP B 221 -27.83 19.38 -10.99
N ASP B 222 -29.03 19.80 -10.64
CA ASP B 222 -29.34 21.20 -10.40
C ASP B 222 -29.50 21.42 -8.90
N VAL B 223 -28.66 22.26 -8.32
CA VAL B 223 -28.65 22.43 -6.87
C VAL B 223 -29.93 23.09 -6.39
N ARG B 224 -30.42 24.08 -7.12
CA ARG B 224 -31.58 24.84 -6.65
C ARG B 224 -32.86 24.03 -6.75
N GLU B 225 -33.16 23.48 -7.94
CA GLU B 225 -34.37 22.72 -8.12
C GLU B 225 -34.27 21.32 -7.51
N GLY B 226 -33.16 20.64 -7.75
CA GLY B 226 -32.97 19.31 -7.21
C GLY B 226 -33.18 18.17 -8.17
N MET B 227 -33.24 18.44 -9.48
CA MET B 227 -33.49 17.44 -10.49
C MET B 227 -32.18 17.01 -11.13
N CYS B 228 -32.22 15.84 -11.79
CA CYS B 228 -31.13 15.40 -12.63
C CYS B 228 -31.37 15.90 -14.05
N ARG B 229 -30.44 16.70 -14.56
CA ARG B 229 -30.60 17.30 -15.87
C ARG B 229 -30.19 16.35 -16.99
N GLN B 230 -28.95 15.89 -16.97
CA GLN B 230 -28.42 15.00 -17.99
C GLN B 230 -27.70 13.83 -17.37
N THR B 231 -27.69 12.71 -18.08
CA THR B 231 -26.96 11.51 -17.67
C THR B 231 -25.92 11.20 -18.73
N PHE B 232 -24.69 10.94 -18.30
CA PHE B 232 -23.56 10.75 -19.21
C PHE B 232 -23.00 9.35 -19.02
N THR B 233 -23.27 8.47 -19.99
CA THR B 233 -22.68 7.14 -20.02
C THR B 233 -21.51 7.13 -21.00
N GLY B 234 -20.79 6.01 -21.00
CA GLY B 234 -19.63 5.88 -21.87
C GLY B 234 -18.49 5.12 -21.22
N HIS B 235 -18.41 5.19 -19.89
CA HIS B 235 -17.40 4.40 -19.14
C HIS B 235 -17.88 2.95 -19.01
N GLU B 236 -16.94 2.04 -18.81
CA GLU B 236 -17.22 0.61 -18.69
C GLU B 236 -17.22 0.11 -17.25
N SER B 237 -16.59 0.87 -16.36
CA SER B 237 -16.49 0.44 -14.94
C SER B 237 -16.89 1.59 -14.02
N ASP B 238 -16.71 1.41 -12.70
CA ASP B 238 -17.11 2.44 -11.71
C ASP B 238 -16.34 3.73 -11.97
N ILE B 239 -17.03 4.88 -11.90
CA ILE B 239 -16.33 6.19 -12.06
C ILE B 239 -15.76 6.56 -10.68
N ASN B 240 -14.44 6.77 -10.59
CA ASN B 240 -13.80 7.03 -9.28
C ASN B 240 -13.54 8.53 -9.11
N ALA B 241 -13.45 9.28 -10.21
CA ALA B 241 -13.11 10.70 -10.08
C ALA B 241 -13.88 11.50 -11.10
N ILE B 242 -14.02 12.80 -10.82
CA ILE B 242 -14.77 13.71 -11.67
C ILE B 242 -14.30 15.13 -11.40
N CYS B 243 -14.41 15.99 -12.42
CA CYS B 243 -13.93 17.35 -12.33
C CYS B 243 -14.48 18.15 -13.50
N PHE B 244 -14.91 19.38 -13.23
CA PHE B 244 -15.36 20.28 -14.28
C PHE B 244 -14.19 20.92 -15.04
N PHE B 245 -14.45 21.23 -16.30
CA PHE B 245 -13.59 22.11 -17.05
C PHE B 245 -13.61 23.50 -16.41
N PRO B 246 -12.53 24.28 -16.53
CA PRO B 246 -12.50 25.61 -15.91
C PRO B 246 -13.67 26.51 -16.25
N ASN B 247 -14.25 26.38 -17.44
CA ASN B 247 -15.38 27.22 -17.82
C ASN B 247 -16.73 26.60 -17.47
N GLY B 248 -16.75 25.41 -16.87
CA GLY B 248 -17.99 24.81 -16.43
C GLY B 248 -18.89 24.29 -17.52
N ASN B 249 -18.38 24.15 -18.74
CA ASN B 249 -19.17 23.65 -19.86
C ASN B 249 -18.78 22.23 -20.26
N ALA B 250 -17.90 21.59 -19.49
CA ALA B 250 -17.49 20.23 -19.74
C ALA B 250 -16.90 19.67 -18.46
N PHE B 251 -16.75 18.35 -18.42
CA PHE B 251 -16.16 17.71 -17.25
C PHE B 251 -15.46 16.44 -17.70
N ALA B 252 -14.52 15.99 -16.86
CA ALA B 252 -13.76 14.78 -17.12
C ALA B 252 -14.01 13.78 -16.00
N THR B 253 -13.97 12.49 -16.36
CA THR B 253 -14.23 11.41 -15.38
C THR B 253 -13.09 10.39 -15.40
N GLY B 254 -12.87 9.70 -14.29
CA GLY B 254 -11.83 8.66 -14.20
C GLY B 254 -12.48 7.35 -13.78
N SER B 255 -12.16 6.24 -14.44
CA SER B 255 -12.87 4.98 -14.14
C SER B 255 -11.91 3.82 -13.86
N ASP B 256 -12.42 2.73 -13.28
CA ASP B 256 -11.61 1.52 -13.01
C ASP B 256 -11.25 0.85 -14.34
N ASP B 257 -11.91 1.23 -15.43
CA ASP B 257 -11.62 0.68 -16.78
C ASP B 257 -10.24 1.14 -17.23
N ALA B 258 -9.63 2.10 -16.52
CA ALA B 258 -8.27 2.60 -16.83
C ALA B 258 -8.30 3.69 -17.89
N THR B 259 -9.49 4.17 -18.24
CA THR B 259 -9.58 5.31 -19.20
C THR B 259 -10.10 6.56 -18.48
N CYS B 260 -9.79 7.73 -19.03
CA CYS B 260 -10.47 8.98 -18.71
C CYS B 260 -11.26 9.44 -19.93
N ARG B 261 -12.33 10.18 -19.68
CA ARG B 261 -13.18 10.64 -20.76
C ARG B 261 -13.64 12.05 -20.48
N LEU B 262 -13.76 12.85 -21.55
CA LEU B 262 -14.23 14.22 -21.47
C LEU B 262 -15.62 14.33 -22.08
N PHE B 263 -16.57 14.77 -21.27
CA PHE B 263 -17.96 14.94 -21.70
C PHE B 263 -18.28 16.41 -21.81
N ASP B 264 -19.13 16.76 -22.78
CA ASP B 264 -19.58 18.13 -22.97
C ASP B 264 -21.02 18.25 -22.48
N LEU B 265 -21.28 19.28 -21.66
CA LEU B 265 -22.61 19.45 -21.09
C LEU B 265 -23.64 19.85 -22.14
N ARG B 266 -23.24 20.55 -23.20
CA ARG B 266 -24.15 21.00 -24.23
C ARG B 266 -24.33 19.99 -25.36
N ALA B 267 -23.23 19.39 -25.83
CA ALA B 267 -23.36 18.31 -26.81
C ALA B 267 -23.96 17.05 -26.20
N ASP B 268 -23.92 16.92 -24.87
CA ASP B 268 -24.56 15.82 -24.15
C ASP B 268 -23.99 14.47 -24.55
N GLN B 269 -22.68 14.40 -24.74
CA GLN B 269 -22.03 13.15 -25.09
C GLN B 269 -20.54 13.27 -24.82
N GLU B 270 -19.86 12.13 -24.95
CA GLU B 270 -18.43 12.06 -24.71
C GLU B 270 -17.65 12.61 -25.90
N LEU B 271 -16.66 13.45 -25.62
CA LEU B 271 -15.86 14.10 -26.65
C LEU B 271 -14.56 13.36 -26.94
N MET B 272 -13.80 13.02 -25.91
CA MET B 272 -12.47 12.45 -26.08
C MET B 272 -12.22 11.41 -25.00
N THR B 273 -11.36 10.45 -25.35
CA THR B 273 -10.99 9.37 -24.45
C THR B 273 -9.47 9.37 -24.26
N TYR B 274 -9.03 9.28 -23.01
CA TYR B 274 -7.62 9.34 -22.65
C TYR B 274 -7.21 7.98 -22.11
N SER B 275 -6.78 7.09 -23.01
CA SER B 275 -6.38 5.74 -22.65
C SER B 275 -5.04 5.42 -23.28
N HIS B 276 -4.41 4.36 -22.77
CA HIS B 276 -3.12 3.90 -23.27
C HIS B 276 -3.06 2.39 -23.12
N ASP B 277 -2.33 1.73 -24.04
CA ASP B 277 -2.24 0.28 -24.01
C ASP B 277 -1.46 -0.20 -22.80
N ASN B 278 -0.43 0.52 -22.40
CA ASN B 278 0.37 0.15 -21.24
C ASN B 278 -0.28 0.50 -19.92
N ILE B 279 -1.49 1.06 -19.94
CA ILE B 279 -2.20 1.48 -18.74
C ILE B 279 -3.37 0.53 -18.54
N ILE B 280 -3.31 -0.27 -17.48
CA ILE B 280 -4.37 -1.23 -17.18
C ILE B 280 -4.81 -1.07 -15.72
N CYS B 281 -4.55 0.09 -15.15
CA CYS B 281 -4.91 0.38 -13.77
C CYS B 281 -5.92 1.52 -13.72
N GLY B 282 -6.77 1.50 -12.70
CA GLY B 282 -7.87 2.49 -12.61
C GLY B 282 -7.38 3.88 -12.29
N ILE B 283 -8.17 4.90 -12.67
CA ILE B 283 -7.80 6.33 -12.37
C ILE B 283 -8.52 6.73 -11.07
N THR B 284 -7.74 7.08 -10.04
CA THR B 284 -8.28 7.41 -8.73
C THR B 284 -8.56 8.90 -8.58
N SER B 285 -7.95 9.75 -9.39
CA SER B 285 -8.10 11.19 -9.27
C SER B 285 -8.07 11.83 -10.64
N VAL B 286 -8.82 12.92 -10.79
CA VAL B 286 -8.91 13.67 -12.03
C VAL B 286 -8.98 15.14 -11.69
N SER B 287 -8.10 15.95 -12.31
CA SER B 287 -8.14 17.38 -12.10
C SER B 287 -7.66 18.08 -13.35
N PHE B 288 -8.13 19.30 -13.55
CA PHE B 288 -7.79 20.12 -14.70
C PHE B 288 -6.81 21.22 -14.28
N SER B 289 -6.07 21.72 -15.26
CA SER B 289 -5.22 22.88 -15.03
C SER B 289 -6.08 24.14 -14.99
N LYS B 290 -5.44 25.29 -14.77
CA LYS B 290 -6.18 26.54 -14.72
C LYS B 290 -6.74 26.90 -16.08
N SER B 291 -6.01 26.59 -17.15
CA SER B 291 -6.48 26.85 -18.50
C SER B 291 -7.38 25.74 -19.04
N GLY B 292 -7.30 24.55 -18.47
CA GLY B 292 -8.02 23.41 -18.98
C GLY B 292 -7.30 22.64 -20.06
N ARG B 293 -6.10 23.07 -20.46
CA ARG B 293 -5.36 22.37 -21.50
C ARG B 293 -4.76 21.07 -21.00
N LEU B 294 -4.40 21.00 -19.72
CA LEU B 294 -3.85 19.79 -19.12
C LEU B 294 -4.93 19.04 -18.37
N LEU B 295 -4.69 17.75 -18.18
CA LEU B 295 -5.61 16.88 -17.44
C LEU B 295 -4.74 15.93 -16.61
N LEU B 296 -4.55 16.25 -15.35
CA LEU B 296 -3.74 15.45 -14.45
C LEU B 296 -4.61 14.35 -13.84
N ALA B 297 -4.15 13.11 -13.93
CA ALA B 297 -4.93 11.97 -13.49
C ALA B 297 -4.06 11.06 -12.64
N GLY B 298 -4.50 10.78 -11.42
CA GLY B 298 -3.80 9.82 -10.58
C GLY B 298 -4.25 8.40 -10.86
N TYR B 299 -3.32 7.46 -10.73
CA TYR B 299 -3.54 6.09 -11.15
C TYR B 299 -3.21 5.13 -9.99
N ASP B 300 -3.48 3.85 -10.24
CA ASP B 300 -3.19 2.79 -9.29
C ASP B 300 -1.74 2.31 -9.38
N ASP B 301 -1.05 2.58 -10.49
CA ASP B 301 0.34 2.19 -10.66
C ASP B 301 1.32 3.17 -10.04
N PHE B 302 0.85 3.97 -9.08
CA PHE B 302 1.59 4.81 -8.16
C PHE B 302 2.04 6.13 -8.77
N ASN B 303 1.76 6.40 -10.04
CA ASN B 303 2.21 7.65 -10.65
C ASN B 303 1.05 8.36 -11.32
N CYS B 304 1.24 9.65 -11.57
CA CYS B 304 0.26 10.49 -12.24
C CYS B 304 0.68 10.69 -13.69
N ASN B 305 -0.31 10.90 -14.56
CA ASN B 305 -0.06 11.08 -15.98
C ASN B 305 -0.74 12.37 -16.43
N VAL B 306 0.07 13.36 -16.79
CA VAL B 306 -0.48 14.59 -17.36
C VAL B 306 -0.87 14.34 -18.80
N TRP B 307 -2.10 14.71 -19.15
CA TRP B 307 -2.62 14.52 -20.50
C TRP B 307 -2.79 15.87 -21.19
N ASP B 308 -2.81 15.82 -22.51
CA ASP B 308 -3.16 16.99 -23.34
C ASP B 308 -4.65 16.90 -23.60
N ALA B 309 -5.43 17.70 -22.87
CA ALA B 309 -6.88 17.59 -22.90
C ALA B 309 -7.48 17.91 -24.26
N LEU B 310 -6.70 18.47 -25.18
CA LEU B 310 -7.20 18.80 -26.51
C LEU B 310 -6.75 17.81 -27.58
N LYS B 311 -5.69 17.04 -27.34
CA LYS B 311 -5.19 16.09 -28.32
C LYS B 311 -5.09 14.67 -27.78
N ALA B 312 -5.43 14.43 -26.52
CA ALA B 312 -5.36 13.12 -25.89
C ALA B 312 -3.96 12.52 -25.92
N ASP B 313 -2.93 13.36 -25.95
CA ASP B 313 -1.55 12.91 -25.97
C ASP B 313 -0.96 13.00 -24.57
N ARG B 314 -0.37 11.90 -24.11
CA ARG B 314 0.29 11.87 -22.82
C ARG B 314 1.47 12.84 -22.81
N ALA B 315 1.37 13.91 -22.01
CA ALA B 315 2.35 14.98 -22.03
C ALA B 315 3.40 14.88 -20.94
N GLY B 316 3.09 14.23 -19.82
CA GLY B 316 4.06 14.15 -18.75
C GLY B 316 3.67 13.07 -17.75
N VAL B 317 4.55 12.88 -16.78
CA VAL B 317 4.35 11.88 -15.72
C VAL B 317 4.83 12.48 -14.41
N LEU B 318 4.01 12.36 -13.36
CA LEU B 318 4.39 12.74 -12.01
C LEU B 318 4.61 11.45 -11.23
N ALA B 319 5.84 10.93 -11.31
CA ALA B 319 6.19 9.64 -10.70
C ALA B 319 7.10 9.91 -9.51
N GLY B 320 6.51 10.02 -8.33
CA GLY B 320 7.30 10.18 -7.12
C GLY B 320 6.70 9.52 -5.89
N HIS B 321 5.63 8.76 -6.07
CA HIS B 321 4.91 8.15 -4.96
C HIS B 321 5.20 6.66 -4.90
N ASP B 322 5.27 6.13 -3.68
CA ASP B 322 5.61 4.74 -3.44
C ASP B 322 4.41 3.82 -3.39
N ASN B 323 3.20 4.36 -3.30
CA ASN B 323 1.99 3.55 -3.24
C ASN B 323 0.93 4.20 -4.11
N ARG B 324 -0.29 3.67 -4.04
CA ARG B 324 -1.38 4.12 -4.90
C ARG B 324 -1.69 5.59 -4.66
N VAL B 325 -1.80 6.35 -5.76
CA VAL B 325 -2.16 7.77 -5.66
C VAL B 325 -3.66 7.87 -5.44
N SER B 326 -4.05 8.54 -4.36
CA SER B 326 -5.44 8.63 -3.95
C SER B 326 -6.10 9.94 -4.33
N CYS B 327 -5.45 11.07 -4.07
CA CYS B 327 -6.03 12.38 -4.26
C CYS B 327 -5.10 13.24 -5.09
N LEU B 328 -5.67 14.29 -5.69
CA LEU B 328 -4.93 15.13 -6.62
C LEU B 328 -5.70 16.41 -6.83
N GLY B 329 -5.05 17.55 -6.63
CA GLY B 329 -5.73 18.82 -6.77
C GLY B 329 -4.83 19.96 -7.21
N VAL B 330 -5.34 20.81 -8.09
CA VAL B 330 -4.61 21.97 -8.62
C VAL B 330 -5.09 23.21 -7.89
N THR B 331 -4.17 24.14 -7.64
CA THR B 331 -4.50 25.38 -6.96
C THR B 331 -5.44 26.22 -7.81
N ASP B 332 -6.07 27.21 -7.17
CA ASP B 332 -7.03 28.07 -7.86
C ASP B 332 -6.33 29.04 -8.82
N ASP B 333 -5.03 29.26 -8.66
CA ASP B 333 -4.26 30.04 -9.62
C ASP B 333 -3.41 29.16 -10.52
N GLY B 334 -3.61 27.85 -10.47
CA GLY B 334 -2.87 26.94 -11.32
C GLY B 334 -1.39 26.89 -11.07
N MET B 335 -0.95 27.24 -9.86
CA MET B 335 0.49 27.37 -9.61
C MET B 335 1.14 26.03 -9.31
N ALA B 336 0.46 25.14 -8.60
CA ALA B 336 1.06 23.88 -8.19
C ALA B 336 -0.01 22.79 -8.18
N VAL B 337 0.47 21.55 -8.20
CA VAL B 337 -0.37 20.37 -8.11
C VAL B 337 0.05 19.58 -6.87
N ALA B 338 -0.89 19.28 -6.01
CA ALA B 338 -0.63 18.47 -4.82
C ALA B 338 -1.29 17.11 -4.99
N THR B 339 -0.52 16.05 -4.76
CA THR B 339 -1.00 14.68 -4.86
C THR B 339 -0.69 13.95 -3.55
N GLY B 340 -1.70 13.31 -2.99
CA GLY B 340 -1.48 12.40 -1.89
C GLY B 340 -1.50 10.95 -2.35
N SER B 341 -1.04 10.06 -1.47
CA SER B 341 -0.94 8.66 -1.84
C SER B 341 -1.00 7.81 -0.58
N TRP B 342 -1.16 6.50 -0.80
CA TRP B 342 -1.24 5.54 0.30
C TRP B 342 0.07 5.35 1.03
N ASP B 343 1.17 5.91 0.53
CA ASP B 343 2.44 5.90 1.25
C ASP B 343 2.52 6.99 2.31
N SER B 344 1.40 7.66 2.59
CA SER B 344 1.26 8.67 3.63
C SER B 344 2.04 9.95 3.35
N PHE B 345 2.20 10.32 2.08
CA PHE B 345 2.96 11.50 1.71
C PHE B 345 2.15 12.39 0.77
N LEU B 346 2.32 13.69 0.93
CA LEU B 346 1.75 14.70 0.05
C LEU B 346 2.89 15.38 -0.68
N LYS B 347 2.94 15.21 -2.00
CA LYS B 347 3.97 15.81 -2.83
C LYS B 347 3.38 16.94 -3.66
N ILE B 348 4.02 18.09 -3.61
CA ILE B 348 3.58 19.28 -4.35
C ILE B 348 4.49 19.45 -5.55
N TRP B 349 3.90 19.48 -6.74
CA TRP B 349 4.62 19.57 -7.99
C TRP B 349 4.42 20.94 -8.62
N ASN B 350 5.23 21.22 -9.64
CA ASN B 350 5.19 22.52 -10.30
C ASN B 350 5.85 22.46 -11.66
N ALA C 7 -45.66 -4.43 -7.59
CA ALA C 7 -44.45 -4.90 -6.93
C ALA C 7 -43.44 -3.77 -6.75
N SER C 8 -42.34 -3.84 -7.50
CA SER C 8 -41.28 -2.85 -7.47
C SER C 8 -41.11 -2.19 -8.83
N ILE C 9 -42.24 -1.83 -9.45
CA ILE C 9 -42.21 -1.13 -10.73
C ILE C 9 -42.22 0.39 -10.56
N ALA C 10 -42.36 0.89 -9.33
CA ALA C 10 -42.24 2.33 -9.10
C ALA C 10 -40.83 2.84 -9.40
N GLN C 11 -39.83 1.96 -9.36
CA GLN C 11 -38.49 2.31 -9.80
C GLN C 11 -38.30 2.10 -11.29
N ALA C 12 -39.00 1.14 -11.89
CA ALA C 12 -38.95 0.94 -13.33
C ALA C 12 -39.81 1.93 -14.09
N ARG C 13 -40.80 2.53 -13.43
CA ARG C 13 -41.60 3.59 -14.05
C ARG C 13 -40.94 4.96 -13.91
N LYS C 14 -40.42 5.26 -12.72
CA LYS C 14 -39.74 6.54 -12.50
C LYS C 14 -38.53 6.70 -13.41
N LEU C 15 -37.93 5.60 -13.86
CA LEU C 15 -36.87 5.67 -14.86
C LEU C 15 -37.38 6.25 -16.18
N VAL C 16 -38.67 6.09 -16.48
CA VAL C 16 -39.23 6.54 -17.74
C VAL C 16 -39.42 8.06 -17.75
N GLU C 17 -40.03 8.63 -16.71
CA GLU C 17 -40.19 10.07 -16.65
C GLU C 17 -38.88 10.81 -16.41
N GLN C 18 -37.80 10.10 -16.09
CA GLN C 18 -36.48 10.71 -16.07
C GLN C 18 -35.81 10.65 -17.43
N LEU C 19 -35.94 9.50 -18.13
CA LEU C 19 -35.49 9.41 -19.51
C LEU C 19 -36.30 10.29 -20.44
N LYS C 20 -37.50 10.72 -20.04
CA LYS C 20 -38.29 11.66 -20.82
C LYS C 20 -37.73 13.07 -20.76
N MET C 21 -37.35 13.53 -19.57
CA MET C 21 -36.77 14.86 -19.40
C MET C 21 -35.39 14.99 -20.02
N GLU C 22 -34.66 13.89 -20.19
CA GLU C 22 -33.35 13.92 -20.82
C GLU C 22 -33.42 13.86 -22.34
N ALA C 23 -34.61 13.63 -22.90
CA ALA C 23 -34.81 13.57 -24.34
C ALA C 23 -35.38 14.87 -24.90
N ASN C 24 -35.46 15.93 -24.10
CA ASN C 24 -36.00 17.20 -24.55
C ASN C 24 -35.01 18.35 -24.46
N ILE C 25 -33.78 18.10 -24.02
CA ILE C 25 -32.80 19.18 -23.87
C ILE C 25 -32.29 19.58 -25.25
N ASP C 26 -31.71 20.78 -25.34
CA ASP C 26 -31.15 21.29 -26.58
C ASP C 26 -29.70 20.85 -26.70
N ARG C 27 -29.37 20.17 -27.79
CA ARG C 27 -28.01 19.70 -28.05
C ARG C 27 -27.41 20.48 -29.21
N ILE C 28 -26.18 20.95 -29.01
CA ILE C 28 -25.42 21.61 -30.07
C ILE C 28 -24.48 20.58 -30.69
N LYS C 29 -23.98 20.91 -31.88
CA LYS C 29 -23.05 20.01 -32.55
C LYS C 29 -21.76 19.90 -31.76
N VAL C 30 -21.14 18.73 -31.80
CA VAL C 30 -19.89 18.52 -31.06
C VAL C 30 -18.76 19.37 -31.63
N SER C 31 -18.85 19.76 -32.90
CA SER C 31 -17.85 20.67 -33.45
C SER C 31 -18.01 22.07 -32.88
N LYS C 32 -19.25 22.52 -32.70
CA LYS C 32 -19.49 23.81 -32.09
C LYS C 32 -19.18 23.79 -30.59
N ALA C 33 -19.24 22.61 -29.97
CA ALA C 33 -18.92 22.47 -28.57
C ALA C 33 -17.45 22.23 -28.31
N ALA C 34 -16.75 21.59 -29.26
CA ALA C 34 -15.32 21.37 -29.09
C ALA C 34 -14.51 22.59 -29.51
N ALA C 35 -15.06 23.43 -30.39
CA ALA C 35 -14.39 24.68 -30.74
C ALA C 35 -14.42 25.68 -29.60
N ASP C 36 -15.35 25.52 -28.64
CA ASP C 36 -15.38 26.39 -27.48
C ASP C 36 -14.33 26.01 -26.45
N LEU C 37 -13.97 24.73 -26.38
CA LEU C 37 -12.92 24.31 -25.47
C LEU C 37 -11.53 24.73 -25.94
N MET C 38 -11.32 24.79 -27.26
CA MET C 38 -10.08 25.33 -27.78
C MET C 38 -9.99 26.83 -27.50
N ALA C 39 -11.05 27.58 -27.83
CA ALA C 39 -11.05 29.02 -27.62
C ALA C 39 -10.82 29.39 -26.17
N TYR C 40 -11.23 28.53 -25.24
CA TYR C 40 -10.95 28.79 -23.83
C TYR C 40 -9.50 28.49 -23.49
N CYS C 41 -8.94 27.42 -24.07
CA CYS C 41 -7.56 27.09 -23.81
C CYS C 41 -6.59 28.04 -24.51
N GLU C 42 -6.91 28.48 -25.73
CA GLU C 42 -6.06 29.41 -26.46
C GLU C 42 -6.10 30.82 -25.88
N ALA C 43 -7.14 31.17 -25.13
CA ALA C 43 -7.25 32.49 -24.52
C ALA C 43 -6.77 32.53 -23.08
N HIS C 44 -6.59 31.37 -22.44
CA HIS C 44 -6.08 31.30 -21.08
C HIS C 44 -4.75 30.57 -21.02
N ALA C 45 -4.03 30.45 -22.14
CA ALA C 45 -2.81 29.66 -22.17
C ALA C 45 -1.67 30.32 -21.43
N LYS C 46 -1.59 31.66 -21.45
CA LYS C 46 -0.48 32.35 -20.81
C LYS C 46 -0.74 32.54 -19.32
N GLU C 47 -1.98 32.34 -18.88
CA GLU C 47 -2.33 32.43 -17.47
C GLU C 47 -2.22 31.09 -16.76
N ASP C 48 -1.66 30.08 -17.43
CA ASP C 48 -1.52 28.75 -16.85
C ASP C 48 -0.07 28.51 -16.47
N PRO C 49 0.29 28.59 -15.19
CA PRO C 49 1.69 28.40 -14.78
C PRO C 49 2.22 26.99 -15.01
N LEU C 50 1.37 25.99 -15.21
CA LEU C 50 1.82 24.65 -15.52
C LEU C 50 2.01 24.42 -17.01
N LEU C 51 1.19 25.05 -17.84
CA LEU C 51 1.38 24.98 -19.29
C LEU C 51 2.66 25.69 -19.70
N THR C 52 2.74 26.99 -19.44
CA THR C 52 3.93 27.77 -19.72
C THR C 52 4.77 27.84 -18.44
N PRO C 53 6.03 27.43 -18.46
CA PRO C 53 6.83 27.42 -17.23
C PRO C 53 6.92 28.81 -16.61
N VAL C 54 6.70 28.86 -15.30
CA VAL C 54 6.74 30.11 -14.55
C VAL C 54 8.18 30.36 -14.09
N PRO C 55 8.69 31.59 -14.24
CA PRO C 55 10.07 31.86 -13.79
C PRO C 55 10.22 31.66 -12.30
N ALA C 56 11.46 31.41 -11.88
CA ALA C 56 11.73 31.19 -10.46
C ALA C 56 11.50 32.44 -9.64
N SER C 57 11.51 33.61 -10.28
CA SER C 57 11.26 34.86 -9.56
C SER C 57 9.86 34.88 -8.97
N GLU C 58 8.85 34.62 -9.80
CA GLU C 58 7.46 34.66 -9.40
C GLU C 58 6.88 33.28 -9.14
N ASN C 59 7.72 32.33 -8.74
CA ASN C 59 7.26 31.00 -8.36
C ASN C 59 7.33 30.86 -6.84
N PRO C 60 6.20 30.67 -6.15
CA PRO C 60 6.25 30.61 -4.67
C PRO C 60 6.76 29.30 -4.12
N PHE C 61 7.03 28.30 -4.96
CA PHE C 61 7.49 27.00 -4.48
C PHE C 61 8.94 26.71 -4.86
N ARG C 62 9.69 27.74 -5.26
CA ARG C 62 11.08 27.58 -5.63
C ARG C 62 11.77 28.94 -5.69
N GLN D 1 -22.60 2.39 -23.07
CA GLN D 1 -23.39 1.95 -21.93
C GLN D 1 -23.32 0.43 -21.78
N VAL D 2 -23.01 -0.02 -20.56
CA VAL D 2 -22.93 -1.45 -20.28
C VAL D 2 -24.32 -2.05 -20.40
N GLN D 3 -24.49 -2.97 -21.35
CA GLN D 3 -25.77 -3.59 -21.62
C GLN D 3 -25.59 -5.10 -21.72
N LEU D 4 -26.33 -5.84 -20.90
CA LEU D 4 -26.32 -7.30 -20.92
C LEU D 4 -27.75 -7.78 -21.10
N GLN D 5 -28.01 -8.45 -22.23
CA GLN D 5 -29.36 -8.93 -22.56
C GLN D 5 -29.34 -10.44 -22.61
N GLU D 6 -30.11 -11.07 -21.73
CA GLU D 6 -30.18 -12.52 -21.67
C GLU D 6 -31.30 -13.05 -22.55
N SER D 7 -31.06 -14.22 -23.14
CA SER D 7 -32.05 -14.90 -23.96
C SER D 7 -32.04 -16.37 -23.57
N GLY D 8 -32.73 -17.18 -24.35
CA GLY D 8 -32.92 -18.59 -24.01
C GLY D 8 -34.19 -18.81 -23.20
N GLY D 9 -34.03 -19.16 -21.93
CA GLY D 9 -35.13 -19.33 -20.99
C GLY D 9 -36.22 -20.26 -21.48
N GLY D 10 -37.40 -20.08 -20.93
CA GLY D 10 -38.57 -20.83 -21.33
C GLY D 10 -38.84 -22.02 -20.42
N LEU D 11 -40.09 -22.46 -20.46
CA LEU D 11 -40.52 -23.59 -19.63
C LEU D 11 -40.07 -24.90 -20.29
N VAL D 12 -39.49 -25.79 -19.49
CA VAL D 12 -38.98 -27.06 -19.98
C VAL D 12 -39.35 -28.15 -18.99
N GLN D 13 -39.54 -29.36 -19.50
CA GLN D 13 -39.88 -30.50 -18.67
C GLN D 13 -38.68 -30.92 -17.83
N PRO D 14 -38.92 -31.53 -16.66
CA PRO D 14 -37.80 -32.03 -15.86
C PRO D 14 -37.01 -33.09 -16.60
N GLY D 15 -35.68 -32.91 -16.61
CA GLY D 15 -34.81 -33.76 -17.37
C GLY D 15 -34.43 -33.23 -18.74
N GLY D 16 -35.09 -32.17 -19.21
CA GLY D 16 -34.75 -31.61 -20.49
C GLY D 16 -33.62 -30.60 -20.42
N SER D 17 -33.09 -30.27 -21.59
CA SER D 17 -31.96 -29.36 -21.70
C SER D 17 -32.44 -27.95 -22.04
N LEU D 18 -31.53 -26.99 -21.86
CA LEU D 18 -31.84 -25.58 -22.09
C LEU D 18 -30.51 -24.84 -22.23
N ARG D 19 -30.45 -23.93 -23.19
CA ARG D 19 -29.23 -23.16 -23.46
C ARG D 19 -29.53 -21.68 -23.28
N LEU D 20 -28.79 -21.05 -22.38
CA LEU D 20 -28.92 -19.62 -22.11
C LEU D 20 -27.82 -18.85 -22.84
N SER D 21 -28.18 -17.71 -23.40
CA SER D 21 -27.25 -16.83 -24.08
C SER D 21 -27.21 -15.48 -23.37
N CYS D 22 -26.17 -14.70 -23.69
CA CYS D 22 -25.97 -13.40 -23.05
C CYS D 22 -25.24 -12.50 -24.03
N ALA D 23 -25.98 -11.58 -24.66
CA ALA D 23 -25.40 -10.62 -25.58
C ALA D 23 -24.91 -9.39 -24.81
N ALA D 24 -23.59 -9.19 -24.81
CA ALA D 24 -22.97 -8.10 -24.08
C ALA D 24 -22.66 -6.94 -25.02
N SER D 25 -22.71 -5.73 -24.46
CA SER D 25 -22.45 -4.53 -25.25
C SER D 25 -21.93 -3.45 -24.33
N GLY D 26 -21.20 -2.49 -24.91
CA GLY D 26 -20.73 -1.34 -24.18
C GLY D 26 -19.45 -1.55 -23.40
N PHE D 27 -18.79 -2.69 -23.55
CA PHE D 27 -17.51 -2.93 -22.89
C PHE D 27 -16.75 -3.99 -23.65
N THR D 28 -15.44 -4.00 -23.44
CA THR D 28 -14.56 -4.99 -24.06
C THR D 28 -14.80 -6.33 -23.37
N PHE D 29 -15.45 -7.25 -24.06
CA PHE D 29 -15.86 -8.51 -23.45
C PHE D 29 -14.67 -9.34 -23.00
N SER D 30 -13.51 -9.15 -23.62
CA SER D 30 -12.38 -10.03 -23.36
C SER D 30 -11.68 -9.72 -22.04
N ASN D 31 -11.89 -8.53 -21.49
CA ASN D 31 -11.15 -8.09 -20.32
C ASN D 31 -11.82 -8.47 -18.99
N TYR D 32 -13.03 -9.04 -19.03
CA TYR D 32 -13.81 -9.26 -17.83
C TYR D 32 -14.09 -10.73 -17.62
N LYS D 33 -14.25 -11.11 -16.35
CA LYS D 33 -14.72 -12.44 -15.99
C LYS D 33 -16.23 -12.40 -15.85
N MET D 34 -16.91 -13.27 -16.59
CA MET D 34 -18.36 -13.29 -16.63
C MET D 34 -18.89 -14.35 -15.68
N ASN D 35 -20.08 -14.09 -15.12
CA ASN D 35 -20.71 -14.98 -14.17
C ASN D 35 -22.13 -15.29 -14.61
N TRP D 36 -22.73 -16.27 -13.94
CA TRP D 36 -24.16 -16.56 -14.05
C TRP D 36 -24.73 -16.57 -12.65
N VAL D 37 -25.83 -15.84 -12.45
CA VAL D 37 -26.44 -15.67 -11.14
C VAL D 37 -27.94 -15.86 -11.29
N ARG D 38 -28.54 -16.64 -10.40
CA ARG D 38 -29.96 -16.92 -10.45
C ARG D 38 -30.63 -16.46 -9.15
N GLN D 39 -31.96 -16.43 -9.19
CA GLN D 39 -32.77 -16.04 -8.03
C GLN D 39 -34.01 -16.92 -8.00
N ALA D 40 -34.00 -17.93 -7.14
CA ALA D 40 -35.15 -18.81 -7.03
C ALA D 40 -36.34 -18.04 -6.46
N PRO D 41 -37.57 -18.38 -6.85
CA PRO D 41 -38.73 -17.68 -6.31
C PRO D 41 -38.89 -17.90 -4.82
N GLY D 42 -38.74 -16.83 -4.03
CA GLY D 42 -38.78 -16.89 -2.60
C GLY D 42 -37.43 -16.74 -1.92
N LYS D 43 -36.35 -17.04 -2.61
CA LYS D 43 -35.00 -16.90 -2.09
C LYS D 43 -34.32 -15.70 -2.74
N GLY D 44 -33.07 -15.46 -2.33
CA GLY D 44 -32.29 -14.38 -2.87
C GLY D 44 -31.37 -14.82 -3.99
N LEU D 45 -30.59 -13.88 -4.48
CA LEU D 45 -29.63 -14.15 -5.56
C LEU D 45 -28.55 -15.10 -5.07
N GLU D 46 -28.23 -16.10 -5.89
CA GLU D 46 -27.15 -17.02 -5.60
C GLU D 46 -26.32 -17.22 -6.84
N TRP D 47 -25.02 -17.40 -6.65
CA TRP D 47 -24.08 -17.51 -7.75
C TRP D 47 -24.08 -18.92 -8.32
N VAL D 48 -24.12 -19.01 -9.65
CA VAL D 48 -24.21 -20.28 -10.35
C VAL D 48 -22.86 -20.73 -10.90
N SER D 49 -22.23 -19.89 -11.73
CA SER D 49 -20.98 -20.28 -12.38
C SER D 49 -20.28 -19.04 -12.90
N ASP D 50 -18.96 -19.16 -13.05
CA ASP D 50 -18.14 -18.09 -13.62
C ASP D 50 -17.19 -18.68 -14.64
N ILE D 51 -16.53 -17.80 -15.39
CA ILE D 51 -15.55 -18.19 -16.40
C ILE D 51 -14.57 -17.04 -16.57
N SER D 52 -13.30 -17.38 -16.82
CA SER D 52 -12.25 -16.38 -16.84
C SER D 52 -12.33 -15.54 -18.11
N GLN D 53 -11.37 -14.61 -18.23
CA GLN D 53 -11.34 -13.69 -19.37
C GLN D 53 -11.13 -14.44 -20.68
N SER D 54 -10.39 -15.55 -20.65
CA SER D 54 -10.17 -16.38 -21.82
C SER D 54 -11.05 -17.62 -21.87
N GLY D 55 -11.37 -18.21 -20.72
CA GLY D 55 -12.21 -19.39 -20.67
C GLY D 55 -11.48 -20.59 -20.12
N ALA D 56 -10.49 -20.35 -19.26
CA ALA D 56 -9.66 -21.42 -18.70
C ALA D 56 -10.09 -21.84 -17.30
N SER D 57 -10.24 -20.90 -16.38
CA SER D 57 -10.57 -21.21 -14.99
C SER D 57 -12.08 -21.12 -14.82
N ILE D 58 -12.76 -22.20 -15.21
CA ILE D 58 -14.20 -22.32 -15.09
C ILE D 58 -14.54 -22.82 -13.69
N SER D 59 -15.65 -22.33 -13.15
CA SER D 59 -16.08 -22.71 -11.82
C SER D 59 -17.60 -22.84 -11.80
N TYR D 60 -18.11 -23.80 -11.03
CA TYR D 60 -19.54 -24.00 -10.86
C TYR D 60 -19.87 -24.09 -9.38
N THR D 61 -21.17 -23.98 -9.09
CA THR D 61 -21.66 -24.28 -7.76
C THR D 61 -21.94 -25.77 -7.64
N GLY D 62 -21.94 -26.28 -6.41
CA GLY D 62 -22.05 -27.71 -6.20
C GLY D 62 -23.32 -28.32 -6.75
N SER D 63 -24.40 -27.54 -6.80
CA SER D 63 -25.69 -28.06 -7.23
C SER D 63 -25.80 -28.24 -8.74
N VAL D 64 -24.83 -27.75 -9.53
CA VAL D 64 -24.92 -27.80 -10.98
C VAL D 64 -23.73 -28.49 -11.63
N LYS D 65 -22.73 -28.92 -10.86
CA LYS D 65 -21.60 -29.61 -11.45
C LYS D 65 -22.04 -30.89 -12.14
N GLY D 66 -21.46 -31.15 -13.31
CA GLY D 66 -21.84 -32.29 -14.11
C GLY D 66 -23.06 -32.08 -14.99
N ARG D 67 -23.82 -31.01 -14.76
CA ARG D 67 -25.02 -30.71 -15.54
C ARG D 67 -24.85 -29.45 -16.38
N PHE D 68 -24.46 -28.34 -15.77
CA PHE D 68 -24.30 -27.08 -16.48
C PHE D 68 -22.87 -26.97 -17.00
N THR D 69 -22.72 -26.24 -18.10
CA THR D 69 -21.40 -25.92 -18.65
C THR D 69 -21.44 -24.49 -19.19
N ILE D 70 -20.60 -23.63 -18.62
CA ILE D 70 -20.53 -22.24 -19.07
C ILE D 70 -19.44 -22.10 -20.12
N SER D 71 -19.71 -21.26 -21.12
CA SER D 71 -18.75 -21.03 -22.20
C SER D 71 -18.98 -19.62 -22.72
N ARG D 72 -17.89 -18.97 -23.15
CA ARG D 72 -17.95 -17.63 -23.69
C ARG D 72 -17.34 -17.61 -25.08
N ASP D 73 -17.67 -16.57 -25.84
CA ASP D 73 -17.12 -16.35 -27.17
C ASP D 73 -16.67 -14.90 -27.23
N ASN D 74 -15.37 -14.66 -26.99
CA ASN D 74 -14.86 -13.30 -26.99
C ASN D 74 -14.86 -12.68 -28.37
N ALA D 75 -14.96 -13.48 -29.42
CA ALA D 75 -14.98 -12.97 -30.78
C ALA D 75 -16.30 -12.33 -31.15
N LYS D 76 -17.39 -12.65 -30.44
CA LYS D 76 -18.69 -12.07 -30.71
C LYS D 76 -19.42 -11.60 -29.46
N ASN D 77 -18.73 -11.54 -28.32
CA ASN D 77 -19.27 -10.98 -27.08
C ASN D 77 -20.57 -11.69 -26.66
N THR D 78 -20.45 -12.99 -26.39
CA THR D 78 -21.60 -13.77 -25.96
C THR D 78 -21.16 -14.77 -24.91
N LEU D 79 -21.95 -14.87 -23.84
CA LEU D 79 -21.72 -15.81 -22.76
C LEU D 79 -22.84 -16.85 -22.77
N TYR D 80 -22.47 -18.11 -22.60
CA TYR D 80 -23.40 -19.23 -22.73
C TYR D 80 -23.52 -19.99 -21.42
N LEU D 81 -24.62 -20.72 -21.28
CA LEU D 81 -24.84 -21.62 -20.15
C LEU D 81 -25.73 -22.75 -20.66
N GLN D 82 -25.11 -23.89 -20.96
CA GLN D 82 -25.85 -25.08 -21.41
C GLN D 82 -26.30 -25.84 -20.18
N MET D 83 -27.61 -25.86 -19.94
CA MET D 83 -28.18 -26.51 -18.77
C MET D 83 -28.72 -27.87 -19.20
N ASN D 84 -28.04 -28.94 -18.78
CA ASN D 84 -28.41 -30.30 -19.14
C ASN D 84 -29.07 -31.00 -17.97
N SER D 85 -30.05 -31.84 -18.29
CA SER D 85 -30.78 -32.66 -17.31
C SER D 85 -31.30 -31.79 -16.16
N LEU D 86 -32.18 -30.86 -16.50
CA LEU D 86 -32.71 -29.93 -15.52
C LEU D 86 -33.65 -30.64 -14.56
N LYS D 87 -33.72 -30.13 -13.33
CA LYS D 87 -34.58 -30.63 -12.28
C LYS D 87 -35.40 -29.49 -11.69
N PRO D 88 -36.56 -29.79 -11.08
CA PRO D 88 -37.50 -28.72 -10.71
C PRO D 88 -36.95 -27.68 -9.74
N GLU D 89 -35.85 -27.95 -9.03
CA GLU D 89 -35.30 -26.92 -8.17
C GLU D 89 -34.35 -25.98 -8.90
N ASP D 90 -34.22 -26.12 -10.22
CA ASP D 90 -33.46 -25.20 -11.04
C ASP D 90 -34.33 -24.11 -11.66
N THR D 91 -35.54 -23.91 -11.11
CA THR D 91 -36.46 -22.91 -11.62
C THR D 91 -36.15 -21.57 -10.95
N ALA D 92 -35.67 -20.60 -11.74
CA ALA D 92 -35.28 -19.31 -11.20
C ALA D 92 -35.12 -18.34 -12.36
N VAL D 93 -34.89 -17.08 -12.01
CA VAL D 93 -34.53 -16.05 -12.99
C VAL D 93 -33.02 -15.99 -13.07
N TYR D 94 -32.47 -16.35 -14.23
CA TYR D 94 -31.03 -16.45 -14.42
C TYR D 94 -30.50 -15.15 -15.00
N TYR D 95 -29.58 -14.50 -14.28
CA TYR D 95 -28.97 -13.25 -14.69
C TYR D 95 -27.55 -13.49 -15.18
N CYS D 96 -27.13 -12.66 -16.13
CA CYS D 96 -25.79 -12.72 -16.71
C CYS D 96 -24.96 -11.63 -16.06
N ALA D 97 -24.35 -11.96 -14.92
CA ALA D 97 -23.61 -10.96 -14.15
C ALA D 97 -22.20 -10.80 -14.68
N ARG D 98 -21.73 -9.56 -14.67
CA ARG D 98 -20.35 -9.21 -14.97
C ARG D 98 -19.77 -8.49 -13.77
N CYS D 99 -18.57 -8.86 -13.37
CA CYS D 99 -17.99 -8.22 -12.20
C CYS D 99 -17.22 -6.97 -12.62
N PRO D 100 -17.10 -5.98 -11.72
CA PRO D 100 -16.98 -4.59 -12.19
C PRO D 100 -15.66 -4.23 -12.82
N ALA D 101 -14.55 -4.84 -12.42
CA ALA D 101 -13.26 -4.39 -12.87
C ALA D 101 -12.67 -5.38 -13.86
N PRO D 102 -11.96 -4.89 -14.89
CA PRO D 102 -11.28 -5.80 -15.81
C PRO D 102 -9.91 -6.19 -15.29
N PHE D 103 -9.41 -7.30 -15.83
CA PHE D 103 -8.07 -7.82 -15.52
C PHE D 103 -7.93 -8.21 -14.05
N THR D 104 -9.02 -8.57 -13.40
CA THR D 104 -8.98 -8.97 -11.99
C THR D 104 -9.56 -10.36 -11.82
N ARG D 105 -9.27 -10.96 -10.67
CA ARG D 105 -9.73 -12.30 -10.33
C ARG D 105 -10.81 -12.29 -9.24
N ASP D 106 -11.24 -11.11 -8.80
CA ASP D 106 -12.24 -11.00 -7.74
C ASP D 106 -13.50 -10.35 -8.29
N CYS D 107 -14.65 -10.85 -7.86
CA CYS D 107 -15.94 -10.33 -8.30
C CYS D 107 -16.90 -10.27 -7.13
N PHE D 108 -17.70 -9.20 -7.08
CA PHE D 108 -18.65 -8.91 -6.00
C PHE D 108 -20.06 -8.73 -6.56
N ASP D 109 -20.49 -9.65 -7.41
CA ASP D 109 -21.60 -9.40 -8.33
C ASP D 109 -22.82 -10.27 -8.05
N VAL D 110 -23.15 -10.45 -6.77
CA VAL D 110 -24.34 -11.20 -6.38
C VAL D 110 -25.19 -10.40 -5.39
N THR D 111 -24.91 -9.10 -5.29
CA THR D 111 -25.49 -8.26 -4.25
C THR D 111 -27.00 -8.17 -4.38
N SER D 112 -27.68 -8.41 -3.26
CA SER D 112 -29.14 -8.18 -3.21
C SER D 112 -29.47 -6.74 -3.57
N THR D 113 -28.65 -5.81 -3.10
CA THR D 113 -28.75 -4.42 -3.52
C THR D 113 -28.62 -4.33 -5.03
N THR D 114 -29.20 -3.28 -5.61
CA THR D 114 -29.16 -3.11 -7.05
C THR D 114 -27.72 -3.16 -7.56
N TYR D 115 -27.39 -4.20 -8.30
CA TYR D 115 -26.08 -4.35 -8.92
C TYR D 115 -26.17 -3.92 -10.36
N ALA D 116 -25.20 -3.11 -10.81
CA ALA D 116 -25.33 -2.41 -12.08
C ALA D 116 -24.94 -3.28 -13.28
N TYR D 117 -23.90 -4.09 -13.15
CA TYR D 117 -23.35 -4.81 -14.30
C TYR D 117 -23.91 -6.23 -14.39
N ARG D 118 -25.24 -6.31 -14.52
CA ARG D 118 -25.88 -7.58 -14.85
C ARG D 118 -27.20 -7.28 -15.55
N GLY D 119 -27.69 -8.28 -16.28
CA GLY D 119 -28.85 -8.10 -17.11
C GLY D 119 -30.14 -8.03 -16.31
N GLN D 120 -31.25 -8.14 -17.05
CA GLN D 120 -32.58 -8.14 -16.47
C GLN D 120 -33.09 -9.54 -16.19
N GLY D 121 -32.38 -10.57 -16.63
CA GLY D 121 -32.73 -11.93 -16.29
C GLY D 121 -33.63 -12.58 -17.33
N THR D 122 -33.53 -13.91 -17.43
CA THR D 122 -34.39 -14.70 -18.29
C THR D 122 -35.03 -15.79 -17.44
N GLN D 123 -36.35 -15.89 -17.49
CA GLN D 123 -37.07 -16.82 -16.63
C GLN D 123 -36.92 -18.25 -17.15
N VAL D 124 -36.50 -19.15 -16.28
CA VAL D 124 -36.37 -20.57 -16.59
C VAL D 124 -37.29 -21.33 -15.64
N THR D 125 -38.25 -22.07 -16.20
CA THR D 125 -39.22 -22.82 -15.43
C THR D 125 -39.08 -24.30 -15.73
N VAL D 126 -39.01 -25.11 -14.68
CA VAL D 126 -38.89 -26.55 -14.83
C VAL D 126 -40.04 -27.25 -14.12
N SER E 105 56.89 -20.92 7.01
CA SER E 105 56.51 -20.45 8.34
C SER E 105 56.05 -19.00 8.29
N LYS E 106 56.75 -18.18 7.51
CA LYS E 106 56.46 -16.76 7.40
C LYS E 106 55.77 -16.40 6.09
N VAL E 107 55.53 -17.37 5.22
CA VAL E 107 54.92 -17.07 3.92
C VAL E 107 53.42 -16.84 4.08
N HIS E 108 52.79 -17.56 5.01
CA HIS E 108 51.34 -17.47 5.14
C HIS E 108 50.92 -16.18 5.85
N TYR E 109 51.85 -15.52 6.54
CA TYR E 109 51.52 -14.23 7.15
C TYR E 109 51.47 -13.13 6.10
N HIS E 110 52.32 -13.23 5.07
CA HIS E 110 52.29 -12.24 4.00
C HIS E 110 51.14 -12.48 3.03
N VAL E 111 50.61 -13.71 3.00
CA VAL E 111 49.45 -13.99 2.18
C VAL E 111 48.17 -13.54 2.89
N ALA E 112 48.17 -13.58 4.23
CA ALA E 112 46.98 -13.17 4.97
C ALA E 112 46.76 -11.66 4.91
N VAL E 113 47.84 -10.87 4.90
CA VAL E 113 47.68 -9.43 4.80
C VAL E 113 47.18 -9.02 3.42
N ILE E 114 47.36 -9.86 2.41
CA ILE E 114 46.83 -9.57 1.08
C ILE E 114 45.31 -9.78 1.07
N ILE E 115 44.84 -10.84 1.73
CA ILE E 115 43.40 -11.07 1.85
C ILE E 115 42.75 -9.92 2.60
N ASN E 116 43.47 -9.34 3.58
CA ASN E 116 42.96 -8.21 4.31
C ASN E 116 42.86 -6.97 3.43
N TYR E 117 43.86 -6.74 2.59
CA TYR E 117 43.80 -5.63 1.64
C TYR E 117 42.72 -5.89 0.60
N LEU E 118 42.68 -7.11 0.05
CA LEU E 118 41.64 -7.48 -0.89
C LEU E 118 40.26 -7.52 -0.26
N GLY E 119 40.16 -7.78 1.04
CA GLY E 119 38.88 -7.83 1.71
C GLY E 119 38.40 -6.46 2.15
N HIS E 120 39.26 -5.68 2.78
CA HIS E 120 38.88 -4.36 3.25
C HIS E 120 38.69 -3.35 2.13
N CYS E 121 39.03 -3.71 0.89
CA CYS E 121 38.79 -2.86 -0.27
C CYS E 121 37.45 -3.19 -0.94
N ILE E 122 37.18 -4.47 -1.17
CA ILE E 122 35.89 -4.88 -1.71
C ILE E 122 34.77 -4.56 -0.73
N SER E 123 35.07 -4.67 0.57
CA SER E 123 34.06 -4.34 1.58
C SER E 123 33.80 -2.84 1.62
N LEU E 124 34.86 -2.04 1.55
CA LEU E 124 34.70 -0.59 1.66
C LEU E 124 33.94 -0.01 0.48
N VAL E 125 34.13 -0.56 -0.72
CA VAL E 125 33.39 -0.06 -1.88
C VAL E 125 31.95 -0.59 -1.86
N ALA E 126 31.72 -1.76 -1.27
CA ALA E 126 30.35 -2.25 -1.15
C ALA E 126 29.62 -1.58 0.01
N LEU E 127 30.36 -1.12 1.02
CA LEU E 127 29.74 -0.40 2.13
C LEU E 127 29.41 1.04 1.76
N LEU E 128 30.26 1.68 0.96
CA LEU E 128 29.99 3.05 0.53
C LEU E 128 28.84 3.11 -0.46
N VAL E 129 28.72 2.13 -1.35
CA VAL E 129 27.56 2.04 -2.22
C VAL E 129 26.30 1.80 -1.39
N ALA E 130 26.42 0.94 -0.36
CA ALA E 130 25.28 0.68 0.50
C ALA E 130 24.95 1.88 1.37
N PHE E 131 25.96 2.72 1.65
CA PHE E 131 25.73 3.86 2.53
C PHE E 131 24.83 4.91 1.88
N VAL E 132 25.05 5.17 0.59
CA VAL E 132 24.29 6.22 -0.07
C VAL E 132 22.85 5.77 -0.35
N LEU E 133 22.67 4.49 -0.68
CA LEU E 133 21.35 4.00 -1.03
C LEU E 133 20.37 4.04 0.15
N PHE E 134 20.89 4.30 1.35
CA PHE E 134 20.01 4.30 2.52
C PHE E 134 19.42 5.69 2.77
N LEU E 135 20.20 6.74 2.49
CA LEU E 135 19.63 8.09 2.61
C LEU E 135 19.14 8.60 1.27
N ARG E 136 19.60 7.99 0.17
CA ARG E 136 19.02 8.30 -1.13
C ARG E 136 17.55 7.90 -1.18
N LEU E 137 17.19 6.80 -0.52
CA LEU E 137 15.82 6.30 -0.52
C LEU E 137 15.19 6.59 0.83
N ARG E 138 14.49 7.72 0.91
CA ARG E 138 13.83 8.11 2.13
C ARG E 138 12.66 7.20 2.45
N SER E 139 12.11 6.54 1.43
CA SER E 139 10.91 5.72 1.63
C SER E 139 11.23 4.49 2.49
N ILE E 140 12.32 3.79 2.17
CA ILE E 140 12.65 2.55 2.86
C ILE E 140 13.11 2.79 4.29
N ARG E 141 13.26 4.04 4.71
CA ARG E 141 13.85 4.31 6.02
C ARG E 141 12.85 4.04 7.13
N CYS E 142 13.13 3.00 7.91
CA CYS E 142 12.37 2.67 9.11
C CYS E 142 13.36 2.28 10.20
N LEU E 143 12.84 1.91 11.37
CA LEU E 143 13.73 1.55 12.48
C LEU E 143 14.63 0.38 12.11
N ARG E 144 14.12 -0.57 11.34
CA ARG E 144 14.96 -1.69 10.91
C ARG E 144 16.06 -1.20 9.97
N ASN E 145 15.73 -0.28 9.06
CA ASN E 145 16.71 0.21 8.11
C ASN E 145 17.61 1.27 8.75
N ILE E 146 17.13 1.93 9.80
CA ILE E 146 17.96 2.89 10.52
C ILE E 146 19.07 2.17 11.27
N ILE E 147 18.74 1.06 11.92
CA ILE E 147 19.75 0.26 12.59
C ILE E 147 20.70 -0.36 11.58
N HIS E 148 20.17 -0.75 10.41
CA HIS E 148 21.01 -1.26 9.34
C HIS E 148 21.94 -0.19 8.81
N TRP E 149 21.42 1.04 8.65
CA TRP E 149 22.22 2.14 8.16
C TRP E 149 23.34 2.49 9.12
N ASN E 150 23.05 2.49 10.42
CA ASN E 150 24.07 2.80 11.41
C ASN E 150 25.13 1.72 11.49
N LEU E 151 24.77 0.47 11.17
CA LEU E 151 25.77 -0.59 11.13
C LEU E 151 26.71 -0.39 9.94
N ILE E 152 26.16 0.02 8.79
CA ILE E 152 26.99 0.29 7.62
C ILE E 152 27.96 1.43 7.90
N SER E 153 27.49 2.46 8.61
CA SER E 153 28.36 3.59 8.93
C SER E 153 29.47 3.19 9.87
N ALA E 154 29.16 2.36 10.88
CA ALA E 154 30.19 1.88 11.81
C ALA E 154 31.18 0.96 11.13
N PHE E 155 30.77 0.26 10.06
CA PHE E 155 31.70 -0.59 9.34
C PHE E 155 32.63 0.23 8.45
N ILE E 156 32.12 1.32 7.88
CA ILE E 156 32.96 2.21 7.07
C ILE E 156 34.01 2.90 7.94
N LEU E 157 33.61 3.36 9.13
CA LEU E 157 34.53 4.06 10.01
C LEU E 157 35.64 3.12 10.49
N ARG E 158 35.39 1.82 10.49
CA ARG E 158 36.41 0.87 10.91
C ARG E 158 37.27 0.42 9.73
N ASN E 159 36.66 0.29 8.55
CA ASN E 159 37.44 -0.07 7.37
C ASN E 159 38.33 1.09 6.94
N ALA E 160 37.84 2.32 7.09
CA ALA E 160 38.67 3.49 6.80
C ALA E 160 39.81 3.61 7.79
N THR E 161 39.54 3.36 9.08
CA THR E 161 40.59 3.44 10.08
C THR E 161 41.59 2.31 9.92
N TRP E 162 41.15 1.15 9.40
CA TRP E 162 42.07 0.04 9.21
C TRP E 162 43.17 0.40 8.22
N PHE E 163 42.83 1.14 7.16
CA PHE E 163 43.84 1.59 6.23
C PHE E 163 44.77 2.61 6.87
N VAL E 164 44.28 3.39 7.83
CA VAL E 164 45.13 4.34 8.52
C VAL E 164 46.10 3.61 9.45
N VAL E 165 45.65 2.51 10.05
CA VAL E 165 46.54 1.73 10.91
C VAL E 165 47.53 0.92 10.06
N GLN E 166 47.16 0.59 8.83
CA GLN E 166 48.05 -0.22 8.00
C GLN E 166 49.15 0.61 7.38
N LEU E 167 48.84 1.85 6.99
CA LEU E 167 49.83 2.67 6.29
C LEU E 167 50.75 3.41 7.27
N THR E 168 50.18 3.92 8.37
CA THR E 168 50.92 4.76 9.29
C THR E 168 51.58 3.97 10.43
N MET E 169 51.81 2.67 10.24
CA MET E 169 52.55 1.87 11.19
C MET E 169 53.84 1.37 10.56
N SER E 170 54.87 1.23 11.38
CA SER E 170 56.18 0.80 10.94
C SER E 170 57.01 0.47 12.17
N PRO E 171 58.06 -0.34 12.03
CA PRO E 171 58.92 -0.63 13.19
C PRO E 171 59.57 0.60 13.79
N GLU E 172 59.57 1.73 13.07
CA GLU E 172 60.07 2.98 13.65
C GLU E 172 59.05 3.59 14.59
N VAL E 173 57.79 3.68 14.16
CA VAL E 173 56.75 4.28 14.98
C VAL E 173 56.36 3.34 16.12
N HIS E 174 56.49 2.03 15.90
CA HIS E 174 56.15 1.06 16.95
C HIS E 174 57.05 1.24 18.16
N GLN E 175 58.36 1.36 17.94
CA GLN E 175 59.28 1.58 19.05
C GLN E 175 59.22 3.02 19.55
N SER E 176 58.84 3.96 18.70
CA SER E 176 58.80 5.37 19.09
C SER E 176 57.75 5.62 20.17
N ASN E 177 56.59 4.97 20.07
CA ASN E 177 55.46 5.19 20.98
C ASN E 177 55.04 6.66 20.97
N VAL E 178 54.85 7.18 19.76
CA VAL E 178 54.54 8.60 19.58
C VAL E 178 53.07 8.82 19.92
N GLY E 179 52.73 10.08 20.21
CA GLY E 179 51.39 10.41 20.68
C GLY E 179 50.29 10.08 19.69
N TRP E 180 50.49 10.41 18.42
CA TRP E 180 49.47 10.13 17.41
C TRP E 180 49.40 8.65 17.04
N CYS E 181 50.34 7.84 17.53
CA CYS E 181 50.26 6.40 17.34
C CYS E 181 49.25 5.77 18.30
N ARG E 182 49.30 6.18 19.57
CA ARG E 182 48.36 5.69 20.56
C ARG E 182 46.95 6.23 20.36
N LEU E 183 46.76 7.20 19.48
CA LEU E 183 45.44 7.75 19.22
C LEU E 183 44.74 7.03 18.08
N VAL E 184 45.48 6.56 17.07
CA VAL E 184 44.87 5.79 16.00
C VAL E 184 44.60 4.35 16.42
N THR E 185 45.34 3.84 17.42
CA THR E 185 45.02 2.53 17.97
C THR E 185 43.76 2.59 18.83
N ALA E 186 43.65 3.62 19.66
CA ALA E 186 42.43 3.83 20.45
C ALA E 186 41.25 4.27 19.58
N ALA E 187 41.51 4.77 18.38
CA ALA E 187 40.43 5.10 17.47
C ALA E 187 39.94 3.87 16.72
N TYR E 188 40.87 2.97 16.37
CA TYR E 188 40.46 1.72 15.74
C TYR E 188 39.73 0.82 16.72
N ASN E 189 40.15 0.83 17.99
CA ASN E 189 39.49 -0.01 18.99
C ASN E 189 38.09 0.51 19.29
N TYR E 190 37.87 1.82 19.16
CA TYR E 190 36.52 2.35 19.35
C TYR E 190 35.61 1.92 18.21
N PHE E 191 36.07 2.09 16.97
CA PHE E 191 35.23 1.75 15.82
C PHE E 191 35.04 0.24 15.71
N HIS E 192 35.90 -0.54 16.36
CA HIS E 192 35.73 -1.99 16.35
C HIS E 192 34.70 -2.41 17.40
N VAL E 193 34.63 -1.69 18.50
CA VAL E 193 33.65 -2.02 19.54
C VAL E 193 32.27 -1.52 19.14
N THR E 194 32.19 -0.38 18.45
CA THR E 194 30.91 0.10 17.95
C THR E 194 30.33 -0.85 16.90
N ASN E 195 31.19 -1.68 16.29
CA ASN E 195 30.69 -2.69 15.37
C ASN E 195 29.94 -3.78 16.12
N PHE E 196 30.44 -4.17 17.29
CA PHE E 196 29.81 -5.24 18.04
C PHE E 196 28.55 -4.77 18.75
N PHE E 197 28.55 -3.53 19.21
CA PHE E 197 27.35 -2.98 19.84
C PHE E 197 26.31 -2.53 18.83
N TRP E 198 26.65 -2.51 17.54
CA TRP E 198 25.65 -2.34 16.50
C TRP E 198 25.19 -3.66 15.91
N MET E 199 26.03 -4.68 15.95
CA MET E 199 25.59 -6.04 15.65
C MET E 199 24.77 -6.63 16.79
N PHE E 200 24.91 -6.10 18.00
CA PHE E 200 24.05 -6.46 19.11
C PHE E 200 22.71 -5.74 19.04
N GLY E 201 22.70 -4.49 18.55
CA GLY E 201 21.46 -3.78 18.33
C GLY E 201 20.60 -4.38 17.24
N GLU E 202 21.21 -5.03 16.26
CA GLU E 202 20.45 -5.78 15.27
C GLU E 202 20.05 -7.15 15.79
N GLY E 203 20.69 -7.61 16.85
CA GLY E 203 20.30 -8.85 17.49
C GLY E 203 19.09 -8.65 18.38
N CYS E 204 19.14 -7.64 19.23
CA CYS E 204 18.04 -7.42 20.17
C CYS E 204 16.81 -6.84 19.48
N TYR E 205 16.95 -6.39 18.22
CA TYR E 205 15.77 -5.95 17.48
C TYR E 205 15.09 -7.14 16.81
N LEU E 206 15.85 -7.91 16.03
CA LEU E 206 15.29 -9.09 15.37
C LEU E 206 14.81 -10.13 16.38
N HIS E 207 15.42 -10.19 17.55
CA HIS E 207 14.94 -11.09 18.60
C HIS E 207 13.62 -10.61 19.17
N THR E 208 13.51 -9.31 19.45
CA THR E 208 12.26 -8.76 19.97
C THR E 208 11.15 -8.83 18.93
N ALA E 209 11.49 -8.63 17.66
CA ALA E 209 10.49 -8.66 16.61
C ALA E 209 9.98 -10.07 16.31
N ILE E 210 10.67 -11.11 16.79
CA ILE E 210 10.32 -12.48 16.50
C ILE E 210 9.93 -13.26 17.76
N VAL E 211 10.70 -13.13 18.82
CA VAL E 211 10.46 -13.89 20.05
C VAL E 211 9.49 -13.17 21.00
N LEU E 212 9.38 -11.85 20.92
CA LEU E 212 8.42 -11.12 21.73
C LEU E 212 7.25 -10.60 20.92
N THR E 213 7.52 -9.83 19.88
CA THR E 213 6.56 -9.47 18.81
C THR E 213 5.50 -8.48 19.27
N TYR E 214 5.37 -8.28 20.58
CA TYR E 214 4.41 -7.30 21.09
C TYR E 214 5.07 -6.25 21.95
N THR E 215 6.37 -6.40 22.20
CA THR E 215 7.18 -5.34 22.80
C THR E 215 8.06 -4.64 21.77
N THR E 216 7.84 -4.89 20.48
CA THR E 216 8.62 -4.22 19.44
C THR E 216 8.32 -2.73 19.42
N ASP E 217 7.08 -2.35 19.74
CA ASP E 217 6.72 -0.93 19.75
C ASP E 217 7.40 -0.20 20.90
N ARG E 218 7.78 -0.93 21.95
CA ARG E 218 8.49 -0.31 23.06
C ARG E 218 9.91 0.05 22.67
N LEU E 219 10.42 -0.52 21.59
CA LEU E 219 11.78 -0.23 21.14
C LEU E 219 11.83 1.11 20.43
N ARG E 220 12.70 1.99 20.90
CA ARG E 220 12.82 3.34 20.36
C ARG E 220 14.16 3.50 19.66
N LYS E 221 14.20 4.46 18.73
CA LYS E 221 15.39 4.67 17.93
C LYS E 221 16.56 5.19 18.77
N TRP E 222 16.26 5.96 19.82
CA TRP E 222 17.33 6.50 20.65
C TRP E 222 18.01 5.41 21.47
N MET E 223 17.32 4.29 21.70
CA MET E 223 17.90 3.21 22.49
C MET E 223 19.04 2.53 21.73
N PHE E 224 19.00 2.56 20.40
CA PHE E 224 20.02 1.88 19.61
C PHE E 224 21.20 2.82 19.32
N ILE E 225 20.93 4.11 19.13
CA ILE E 225 22.01 5.07 18.95
C ILE E 225 22.83 5.20 20.23
N CYS E 226 22.16 5.08 21.38
CA CYS E 226 22.85 5.21 22.65
C CYS E 226 23.74 4.00 22.92
N ILE E 227 23.30 2.81 22.48
CA ILE E 227 24.08 1.61 22.72
C ILE E 227 25.19 1.47 21.68
N GLY E 228 24.86 1.74 20.41
CA GLY E 228 25.84 1.54 19.35
C GLY E 228 27.00 2.50 19.43
N TRP E 229 26.73 3.80 19.57
CA TRP E 229 27.76 4.82 19.57
C TRP E 229 28.16 5.27 20.97
N GLY E 230 27.22 5.30 21.91
CA GLY E 230 27.50 5.90 23.20
C GLY E 230 28.18 4.95 24.18
N VAL E 231 27.66 3.72 24.28
CA VAL E 231 28.21 2.77 25.25
C VAL E 231 29.67 2.43 24.99
N PRO E 232 30.14 2.27 23.73
CA PRO E 232 31.57 2.00 23.54
C PRO E 232 32.50 3.08 24.05
N PHE E 233 31.99 4.28 24.31
CA PHE E 233 32.88 5.38 24.70
C PHE E 233 33.45 5.20 26.11
N PRO E 234 32.66 4.90 27.15
CA PRO E 234 33.28 4.60 28.45
C PRO E 234 34.13 3.34 28.42
N ILE E 235 33.93 2.46 27.43
CA ILE E 235 34.72 1.24 27.34
C ILE E 235 36.12 1.56 26.84
N ILE E 236 36.21 2.40 25.82
CA ILE E 236 37.52 2.77 25.27
C ILE E 236 38.22 3.78 26.18
N VAL E 237 37.46 4.68 26.80
CA VAL E 237 38.05 5.63 27.74
C VAL E 237 38.66 4.89 28.92
N ALA E 238 37.90 3.96 29.52
CA ALA E 238 38.44 3.17 30.61
C ALA E 238 39.54 2.22 30.15
N TRP E 239 39.60 1.91 28.86
CA TRP E 239 40.71 1.12 28.35
C TRP E 239 41.99 1.95 28.29
N ALA E 240 41.89 3.18 27.80
CA ALA E 240 43.06 4.05 27.72
C ALA E 240 43.52 4.47 29.11
N ILE E 241 42.59 4.60 30.06
CA ILE E 241 42.98 4.93 31.42
C ILE E 241 43.82 3.81 32.03
N GLY E 242 43.40 2.56 31.82
CA GLY E 242 44.18 1.43 32.27
C GLY E 242 45.38 1.10 31.41
N LYS E 243 45.41 1.62 30.18
CA LYS E 243 46.55 1.43 29.29
C LYS E 243 47.62 2.50 29.46
N LEU E 244 47.22 3.72 29.83
CA LEU E 244 48.20 4.78 30.08
C LEU E 244 48.92 4.58 31.40
N TYR E 245 48.27 3.95 32.38
CA TYR E 245 48.92 3.67 33.67
C TYR E 245 49.78 2.41 33.58
N TYR E 246 49.16 1.28 33.28
CA TYR E 246 49.87 0.02 33.10
C TYR E 246 49.95 -0.32 31.62
N ASP E 247 51.10 -0.82 31.19
CA ASP E 247 51.31 -1.26 29.81
C ASP E 247 51.12 -0.11 28.82
N ASN E 248 51.89 0.96 29.04
CA ASN E 248 51.91 2.10 28.12
C ASN E 248 53.18 1.99 27.28
N GLU E 249 53.09 1.21 26.21
CA GLU E 249 54.26 0.94 25.38
C GLU E 249 53.80 0.35 24.05
N LYS E 250 54.66 0.49 23.04
CA LYS E 250 54.47 -0.14 21.74
C LYS E 250 53.14 0.26 21.09
N CYS E 251 52.88 1.56 21.07
CA CYS E 251 51.72 2.16 20.42
C CYS E 251 50.39 1.59 20.94
N TRP E 252 50.38 1.05 22.15
CA TRP E 252 49.23 0.54 22.89
C TRP E 252 48.66 -0.75 22.32
N PHE E 253 49.19 -1.28 21.21
CA PHE E 253 48.74 -2.56 20.69
C PHE E 253 49.79 -3.66 20.81
N GLY E 254 50.88 -3.40 21.51
CA GLY E 254 51.84 -4.45 21.81
C GLY E 254 51.39 -5.26 23.01
N LYS E 255 51.31 -6.58 22.87
CA LYS E 255 50.78 -7.44 23.91
C LYS E 255 51.93 -8.00 24.75
N ARG E 256 51.91 -7.70 26.05
CA ARG E 256 52.91 -8.21 26.99
C ARG E 256 52.28 -9.33 27.80
N PRO E 257 52.96 -10.46 27.97
CA PRO E 257 52.33 -11.60 28.65
C PRO E 257 52.05 -11.31 30.12
N GLY E 258 50.83 -11.61 30.55
CA GLY E 258 50.43 -11.48 31.93
C GLY E 258 49.77 -10.16 32.28
N VAL E 259 49.54 -9.28 31.30
CA VAL E 259 49.00 -7.96 31.61
C VAL E 259 47.48 -7.97 31.56
N TYR E 260 46.90 -8.42 30.45
CA TYR E 260 45.44 -8.53 30.28
C TYR E 260 44.75 -7.19 30.46
N THR E 261 45.15 -6.21 29.64
CA THR E 261 44.49 -4.92 29.61
C THR E 261 43.54 -4.77 28.42
N ASP E 262 43.83 -5.44 27.31
CA ASP E 262 42.94 -5.39 26.15
C ASP E 262 41.59 -6.03 26.43
N TYR E 263 41.44 -6.75 27.55
CA TYR E 263 40.16 -7.32 27.91
C TYR E 263 39.16 -6.28 28.39
N ILE E 264 39.58 -5.02 28.54
CA ILE E 264 38.65 -3.97 28.93
C ILE E 264 37.69 -3.66 27.79
N TYR E 265 38.17 -3.72 26.55
CA TYR E 265 37.30 -3.55 25.39
C TYR E 265 36.99 -4.86 24.67
N GLN E 266 37.72 -5.93 24.96
CA GLN E 266 37.42 -7.24 24.39
C GLN E 266 36.49 -8.06 25.26
N GLY E 267 36.31 -7.68 26.52
CA GLY E 267 35.35 -8.31 27.40
C GLY E 267 33.92 -8.08 26.93
N PRO E 268 33.53 -6.80 26.81
CA PRO E 268 32.19 -6.50 26.25
C PRO E 268 31.99 -7.06 24.86
N MET E 269 33.05 -7.16 24.06
CA MET E 269 32.91 -7.71 22.72
C MET E 269 32.63 -9.21 22.77
N ILE E 270 33.25 -9.92 23.71
CA ILE E 270 32.98 -11.35 23.87
C ILE E 270 31.57 -11.56 24.42
N LEU E 271 31.17 -10.75 25.39
CA LEU E 271 29.83 -10.86 25.97
C LEU E 271 28.75 -10.63 24.92
N VAL E 272 29.00 -9.72 23.98
CA VAL E 272 28.05 -9.49 22.90
C VAL E 272 27.93 -10.70 22.00
N LEU E 273 29.04 -11.42 21.79
CA LEU E 273 28.99 -12.60 20.94
C LEU E 273 28.19 -13.72 21.57
N LEU E 274 28.21 -13.81 22.90
CA LEU E 274 27.45 -14.86 23.58
C LEU E 274 25.97 -14.56 23.58
N ILE E 275 25.60 -13.30 23.81
CA ILE E 275 24.19 -12.92 23.80
C ILE E 275 23.63 -12.97 22.39
N ASN E 276 24.41 -12.56 21.39
CA ASN E 276 23.98 -12.67 20.02
C ASN E 276 23.87 -14.11 19.55
N PHE E 277 24.50 -15.04 20.27
CA PHE E 277 24.33 -16.46 19.96
C PHE E 277 23.04 -17.01 20.55
N ILE E 278 22.66 -16.54 21.74
CA ILE E 278 21.37 -16.92 22.30
C ILE E 278 20.24 -16.34 21.48
N PHE E 279 20.44 -15.14 20.91
CA PHE E 279 19.44 -14.56 20.02
C PHE E 279 19.28 -15.38 18.76
N LEU E 280 20.41 -15.72 18.12
CA LEU E 280 20.36 -16.49 16.88
C LEU E 280 19.80 -17.89 17.11
N PHE E 281 19.95 -18.42 18.32
CA PHE E 281 19.41 -19.75 18.60
C PHE E 281 17.90 -19.73 18.65
N ASN E 282 17.31 -18.64 19.13
CA ASN E 282 15.85 -18.54 19.20
C ASN E 282 15.25 -18.16 17.86
N ILE E 283 15.92 -17.30 17.10
CA ILE E 283 15.37 -16.83 15.83
C ILE E 283 15.22 -17.99 14.86
N VAL E 284 16.27 -18.81 14.72
CA VAL E 284 16.19 -19.96 13.81
C VAL E 284 15.31 -21.05 14.40
N ARG E 285 15.17 -21.10 15.72
CA ARG E 285 14.26 -22.07 16.33
C ARG E 285 12.80 -21.70 16.04
N ILE E 286 12.46 -20.43 16.19
CA ILE E 286 11.11 -19.98 15.89
C ILE E 286 10.84 -20.07 14.40
N LEU E 287 11.82 -19.72 13.57
CA LEU E 287 11.65 -19.77 12.13
C LEU E 287 11.39 -21.19 11.63
N MET E 288 11.97 -22.19 12.30
CA MET E 288 11.76 -23.57 11.87
C MET E 288 10.32 -24.01 12.12
N THR E 289 9.73 -23.60 13.24
CA THR E 289 8.32 -23.90 13.49
C THR E 289 7.41 -23.22 12.47
N LYS E 290 7.83 -22.05 11.96
CA LYS E 290 7.06 -21.39 10.92
C LYS E 290 7.16 -22.11 9.58
N LEU E 291 8.21 -22.92 9.38
CA LEU E 291 8.40 -23.63 8.14
C LEU E 291 7.69 -24.98 8.12
N ARG E 292 7.57 -25.64 9.26
CA ARG E 292 6.82 -26.90 9.31
C ARG E 292 5.34 -26.67 9.04
N ALA E 293 4.81 -25.51 9.44
CA ALA E 293 3.38 -25.25 9.29
C ALA E 293 3.01 -24.75 7.90
N SER E 294 3.96 -24.15 7.18
CA SER E 294 3.66 -23.57 5.87
C SER E 294 4.19 -24.40 4.70
N THR E 295 5.11 -25.32 4.95
CA THR E 295 5.73 -26.11 3.90
C THR E 295 5.48 -27.60 4.16
N THR E 296 5.39 -28.37 3.08
CA THR E 296 5.18 -29.82 3.18
C THR E 296 6.46 -30.63 3.02
N SER E 297 7.29 -30.30 2.04
CA SER E 297 8.54 -31.01 1.80
C SER E 297 9.57 -30.61 2.85
N GLU E 298 10.15 -31.61 3.52
CA GLU E 298 11.12 -31.33 4.57
C GLU E 298 12.50 -31.00 4.04
N THR E 299 12.79 -31.31 2.78
CA THR E 299 14.06 -30.93 2.19
C THR E 299 14.15 -29.44 1.92
N ILE E 300 13.05 -28.82 1.47
CA ILE E 300 13.03 -27.38 1.27
C ILE E 300 13.07 -26.64 2.60
N GLN E 301 12.43 -27.18 3.65
CA GLN E 301 12.47 -26.56 4.96
C GLN E 301 13.88 -26.44 5.52
N TYR E 302 14.83 -27.25 5.03
CA TYR E 302 16.22 -27.13 5.41
C TYR E 302 17.02 -26.26 4.46
N ARG E 303 16.60 -26.15 3.20
CA ARG E 303 17.21 -25.19 2.28
C ARG E 303 16.92 -23.76 2.67
N LYS E 304 15.95 -23.52 3.55
CA LYS E 304 15.61 -22.18 4.02
C LYS E 304 16.07 -21.90 5.44
N ALA E 305 16.11 -22.92 6.30
CA ALA E 305 16.64 -22.75 7.64
C ALA E 305 18.15 -22.68 7.68
N VAL E 306 18.83 -23.21 6.66
CA VAL E 306 20.29 -23.15 6.58
C VAL E 306 20.67 -21.87 5.86
N LYS E 307 19.88 -21.49 4.85
CA LYS E 307 20.12 -20.23 4.17
C LYS E 307 19.86 -19.03 5.08
N ALA E 308 18.97 -19.16 6.06
CA ALA E 308 18.68 -18.06 6.96
C ALA E 308 19.68 -18.00 8.12
N THR E 309 20.13 -19.15 8.62
CA THR E 309 21.14 -19.18 9.67
C THR E 309 22.53 -18.87 9.16
N LEU E 310 22.70 -18.70 7.84
CA LEU E 310 23.99 -18.32 7.26
C LEU E 310 24.05 -16.85 6.91
N VAL E 311 22.92 -16.24 6.52
CA VAL E 311 22.91 -14.82 6.25
C VAL E 311 22.82 -14.02 7.54
N LEU E 312 22.55 -14.68 8.66
CA LEU E 312 22.51 -14.03 9.95
C LEU E 312 23.83 -14.15 10.71
N LEU E 313 24.80 -14.90 10.18
CA LEU E 313 26.10 -14.97 10.84
C LEU E 313 26.88 -13.67 10.72
N PRO E 314 27.06 -13.07 9.53
CA PRO E 314 27.77 -11.80 9.46
C PRO E 314 26.98 -10.63 10.04
N LEU E 315 25.66 -10.74 10.13
CA LEU E 315 24.85 -9.66 10.67
C LEU E 315 24.95 -9.58 12.18
N LEU E 316 24.99 -10.74 12.84
CA LEU E 316 25.05 -10.80 14.30
C LEU E 316 26.46 -10.95 14.84
N GLY E 317 27.45 -11.16 13.97
CA GLY E 317 28.83 -11.27 14.41
C GLY E 317 29.27 -12.66 14.81
N ILE E 318 28.52 -13.69 14.43
CA ILE E 318 28.88 -15.05 14.83
C ILE E 318 30.11 -15.56 14.09
N THR E 319 30.51 -14.91 13.00
CA THR E 319 31.71 -15.33 12.29
C THR E 319 32.96 -15.23 13.15
N TYR E 320 32.94 -14.41 14.21
CA TYR E 320 34.04 -14.39 15.17
C TYR E 320 34.04 -15.60 16.09
N MET E 321 32.95 -16.35 16.12
CA MET E 321 32.84 -17.53 16.98
C MET E 321 33.08 -18.84 16.25
N LEU E 322 33.01 -18.84 14.92
CA LEU E 322 33.25 -20.05 14.14
C LEU E 322 34.61 -20.65 14.48
N PHE E 323 35.66 -19.83 14.40
CA PHE E 323 37.01 -20.20 14.83
C PHE E 323 37.48 -19.08 15.74
N PHE E 324 37.14 -19.17 17.02
CA PHE E 324 37.40 -18.06 17.95
C PHE E 324 38.87 -18.05 18.39
N VAL E 325 39.29 -19.10 19.09
CA VAL E 325 40.65 -19.21 19.58
C VAL E 325 41.26 -20.48 19.01
N ASN E 326 42.58 -20.48 18.90
CA ASN E 326 43.32 -21.63 18.38
C ASN E 326 44.03 -22.33 19.52
N PRO E 327 43.85 -23.65 19.70
CA PRO E 327 44.58 -24.33 20.78
C PRO E 327 46.09 -24.22 20.65
N GLY E 328 46.61 -24.14 19.44
CA GLY E 328 48.04 -23.96 19.27
C GLY E 328 48.75 -25.28 19.13
N GLU E 329 50.06 -25.28 19.40
CA GLU E 329 50.97 -26.41 19.35
C GLU E 329 50.91 -27.13 18.01
N ASP E 330 50.50 -26.47 16.93
CA ASP E 330 50.51 -27.08 15.60
C ASP E 330 50.51 -25.95 14.58
N GLU E 331 51.57 -25.90 13.77
CA GLU E 331 51.70 -24.82 12.79
C GLU E 331 50.66 -24.96 11.69
N VAL E 332 50.13 -26.17 11.51
CA VAL E 332 49.06 -26.38 10.52
C VAL E 332 47.79 -25.67 10.95
N SER E 333 47.42 -25.78 12.23
CA SER E 333 46.20 -25.15 12.70
C SER E 333 46.35 -23.64 12.79
N ARG E 334 47.57 -23.15 13.04
CA ARG E 334 47.79 -21.71 13.13
C ARG E 334 47.67 -21.06 11.77
N VAL E 335 47.83 -21.82 10.70
CA VAL E 335 47.66 -21.26 9.35
C VAL E 335 46.17 -21.12 9.02
N VAL E 336 45.37 -22.12 9.40
CA VAL E 336 43.94 -22.05 9.14
C VAL E 336 43.30 -20.93 9.95
N PHE E 337 43.70 -20.79 11.21
CA PHE E 337 43.15 -19.74 12.06
C PHE E 337 43.37 -18.36 11.46
N ILE E 338 44.54 -18.12 10.89
CA ILE E 338 44.83 -16.82 10.30
C ILE E 338 44.06 -16.65 8.99
N TYR E 339 43.99 -17.70 8.18
CA TYR E 339 43.30 -17.61 6.90
C TYR E 339 41.79 -17.55 7.07
N PHE E 340 41.25 -18.38 7.97
CA PHE E 340 39.80 -18.43 8.13
C PHE E 340 39.25 -17.18 8.79
N ASN E 341 40.05 -16.53 9.65
CA ASN E 341 39.60 -15.33 10.32
C ASN E 341 39.92 -14.05 9.55
N SER E 342 40.86 -14.10 8.60
CA SER E 342 41.11 -12.94 7.75
C SER E 342 40.08 -12.83 6.64
N PHE E 343 39.44 -13.94 6.29
CA PHE E 343 38.42 -13.91 5.25
C PHE E 343 37.07 -13.48 5.82
N LEU E 344 36.79 -13.88 7.06
CA LEU E 344 35.51 -13.54 7.67
C LEU E 344 35.51 -12.12 8.20
N GLU E 345 36.63 -11.68 8.77
CA GLU E 345 36.69 -10.35 9.36
C GLU E 345 36.71 -9.27 8.28
N SER E 346 37.50 -9.47 7.24
CA SER E 346 37.66 -8.43 6.22
C SER E 346 36.44 -8.36 5.31
N PHE E 347 35.87 -9.51 4.95
CA PHE E 347 34.73 -9.56 4.06
C PHE E 347 33.39 -9.46 4.78
N GLN E 348 33.37 -9.01 6.03
CA GLN E 348 32.11 -8.92 6.76
C GLN E 348 31.28 -7.75 6.28
N GLY E 349 31.91 -6.60 6.04
CA GLY E 349 31.18 -5.45 5.54
C GLY E 349 30.62 -5.70 4.15
N PHE E 350 31.28 -6.56 3.38
CA PHE E 350 30.77 -6.92 2.06
C PHE E 350 29.56 -7.83 2.18
N PHE E 351 29.55 -8.74 3.15
CA PHE E 351 28.46 -9.68 3.28
C PHE E 351 27.18 -8.99 3.73
N VAL E 352 27.28 -8.11 4.73
CA VAL E 352 26.08 -7.49 5.30
C VAL E 352 25.52 -6.42 4.36
N SER E 353 26.34 -5.95 3.42
CA SER E 353 25.86 -4.94 2.47
C SER E 353 25.24 -5.60 1.25
N VAL E 354 25.62 -6.84 0.97
CA VAL E 354 25.07 -7.54 -0.20
C VAL E 354 23.69 -8.10 0.12
N PHE E 355 23.56 -8.83 1.23
N PHE E 355 23.56 -8.82 1.23
CA PHE E 355 22.29 -9.50 1.51
CA PHE E 355 22.30 -9.50 1.54
C PHE E 355 21.26 -8.52 2.09
C PHE E 355 21.27 -8.53 2.08
N TYR E 356 21.70 -7.50 2.82
CA TYR E 356 20.78 -6.62 3.51
C TYR E 356 20.59 -5.27 2.84
N CYS E 357 21.39 -4.94 1.81
CA CYS E 357 21.13 -3.73 1.06
C CYS E 357 20.91 -4.03 -0.42
N PHE E 358 21.77 -4.87 -1.00
CA PHE E 358 21.70 -5.11 -2.44
C PHE E 358 20.64 -6.16 -2.78
N LEU E 359 20.80 -7.37 -2.26
CA LEU E 359 19.82 -8.43 -2.47
C LEU E 359 18.56 -8.25 -1.60
N ASN E 360 18.44 -7.15 -0.89
CA ASN E 360 17.19 -6.84 -0.21
C ASN E 360 16.10 -6.63 -1.25
N SER E 361 15.07 -7.47 -1.20
CA SER E 361 14.05 -7.44 -2.25
C SER E 361 13.33 -6.11 -2.29
N GLU E 362 13.21 -5.43 -1.15
CA GLU E 362 12.57 -4.12 -1.11
C GLU E 362 13.44 -3.07 -1.79
N VAL E 363 14.74 -3.06 -1.47
CA VAL E 363 15.64 -2.11 -2.11
C VAL E 363 15.87 -2.50 -3.58
N ARG E 364 15.86 -3.80 -3.86
CA ARG E 364 16.01 -4.26 -5.24
C ARG E 364 14.87 -3.73 -6.12
N SER E 365 13.66 -3.76 -5.60
CA SER E 365 12.52 -3.28 -6.37
C SER E 365 12.41 -1.76 -6.31
N ALA E 366 12.86 -1.15 -5.22
CA ALA E 366 12.74 0.30 -5.08
C ALA E 366 13.73 1.03 -5.98
N ILE E 367 14.93 0.46 -6.16
CA ILE E 367 15.91 1.07 -7.06
C ILE E 367 15.62 0.76 -8.51
N ARG E 368 14.82 -0.27 -8.80
CA ARG E 368 14.37 -0.49 -10.17
C ARG E 368 13.37 0.57 -10.59
N LYS E 369 12.51 1.01 -9.66
CA LYS E 369 11.57 2.08 -9.97
C LYS E 369 12.29 3.38 -10.28
N ARG E 370 13.40 3.65 -9.60
CA ARG E 370 14.23 4.80 -9.93
C ARG E 370 14.88 4.66 -11.30
N TRP E 371 14.92 3.46 -11.87
CA TRP E 371 15.45 3.23 -13.20
C TRP E 371 14.40 3.40 -14.29
N HIS E 372 13.14 3.05 -14.02
CA HIS E 372 12.07 3.30 -14.96
C HIS E 372 11.75 4.78 -15.11
N ARG E 373 12.26 5.63 -14.22
CA ARG E 373 12.16 7.07 -14.35
C ARG E 373 13.38 7.70 -14.98
N TRP E 374 14.52 7.02 -14.95
CA TRP E 374 15.78 7.53 -15.51
C TRP E 374 16.13 8.91 -14.97
N GLU F 2 53.25 -16.60 23.79
CA GLU F 2 52.69 -17.85 24.30
C GLU F 2 51.18 -17.81 24.27
N GLU F 3 50.61 -16.64 24.50
CA GLU F 3 49.16 -16.50 24.53
C GLU F 3 48.58 -16.77 23.14
N PRO F 4 47.52 -17.57 23.03
CA PRO F 4 46.95 -17.85 21.72
C PRO F 4 46.14 -16.67 21.22
N PRO F 5 46.16 -16.40 19.92
CA PRO F 5 45.37 -15.29 19.38
C PRO F 5 43.89 -15.64 19.31
N ILE F 6 43.05 -14.66 19.58
CA ILE F 6 41.62 -14.81 19.42
C ILE F 6 41.19 -14.08 18.15
N SER F 7 39.95 -14.34 17.72
CA SER F 7 39.50 -13.79 16.44
C SER F 7 39.24 -12.30 16.53
N LEU F 8 38.97 -11.78 17.72
CA LEU F 8 38.72 -10.36 17.89
C LEU F 8 39.98 -9.51 17.73
N ASP F 9 41.16 -10.08 18.01
CA ASP F 9 42.42 -9.35 17.97
C ASP F 9 43.29 -9.80 16.80
N LEU F 10 42.69 -10.02 15.63
CA LEU F 10 43.45 -10.52 14.49
C LEU F 10 44.21 -9.41 13.80
N THR F 11 43.64 -8.21 13.74
CA THR F 11 44.27 -7.10 13.03
C THR F 11 45.60 -6.72 13.68
N PHE F 12 45.60 -6.59 15.01
CA PHE F 12 46.84 -6.22 15.68
C PHE F 12 47.74 -7.43 15.90
N HIS F 13 47.22 -8.64 15.70
CA HIS F 13 48.09 -9.81 15.73
C HIS F 13 48.89 -9.90 14.44
N LEU F 14 48.25 -9.71 13.28
CA LEU F 14 48.97 -9.66 12.03
C LEU F 14 49.94 -8.48 11.99
N LEU F 15 49.58 -7.38 12.66
CA LEU F 15 50.48 -6.24 12.73
C LEU F 15 51.66 -6.53 13.64
N ARG F 16 51.42 -7.20 14.76
CA ARG F 16 52.51 -7.52 15.67
C ARG F 16 53.44 -8.57 15.07
N GLU F 17 52.92 -9.39 14.16
CA GLU F 17 53.75 -10.43 13.54
C GLU F 17 54.68 -9.84 12.50
N VAL F 18 54.20 -8.88 11.71
CA VAL F 18 55.04 -8.30 10.67
C VAL F 18 56.01 -7.28 11.26
N LEU F 19 55.62 -6.66 12.38
CA LEU F 19 56.46 -5.64 12.99
C LEU F 19 57.65 -6.27 13.69
N GLU F 20 57.60 -7.57 13.96
CA GLU F 20 58.75 -8.32 14.41
C GLU F 20 59.35 -9.20 13.32
N MET F 21 58.68 -9.32 12.17
CA MET F 21 59.22 -10.01 11.01
C MET F 21 59.90 -9.07 10.03
N ALA F 22 59.31 -7.90 9.76
CA ALA F 22 59.97 -6.89 8.95
C ALA F 22 61.13 -6.22 9.67
N ARG F 23 61.16 -6.28 11.00
CA ARG F 23 62.28 -5.76 11.76
C ARG F 23 63.49 -6.69 11.69
N ALA F 24 63.24 -8.00 11.64
CA ALA F 24 64.33 -8.96 11.59
C ALA F 24 64.88 -9.17 10.18
N GLU F 25 64.08 -8.93 9.14
CA GLU F 25 64.56 -9.07 7.78
C GLU F 25 65.32 -7.84 7.29
N GLN F 26 64.96 -6.64 7.74
CA GLN F 26 65.80 -5.48 7.48
C GLN F 26 67.06 -5.51 8.33
N LEU F 27 67.04 -6.28 9.42
CA LEU F 27 68.25 -6.52 10.18
C LEU F 27 69.21 -7.43 9.43
N ALA F 28 68.68 -8.27 8.53
CA ALA F 28 69.53 -9.16 7.76
C ALA F 28 70.44 -8.39 6.80
N GLN F 29 69.88 -7.40 6.08
CA GLN F 29 70.71 -6.58 5.22
C GLN F 29 71.67 -5.70 6.01
N GLN F 30 71.35 -5.40 7.26
CA GLN F 30 72.30 -4.73 8.15
C GLN F 30 73.24 -5.72 8.83
N ALA F 31 72.83 -6.99 8.95
CA ALA F 31 73.73 -8.01 9.49
C ALA F 31 74.94 -8.19 8.59
N HIS F 32 74.81 -7.90 7.29
CA HIS F 32 75.97 -7.88 6.42
C HIS F 32 77.00 -6.86 6.89
N SER F 33 76.54 -5.73 7.41
CA SER F 33 77.41 -4.71 7.96
C SER F 33 77.76 -4.95 9.43
N ASN F 34 77.14 -5.95 10.05
CA ASN F 34 77.39 -6.28 11.46
C ASN F 34 77.17 -5.09 12.37
#